data_6RB7
#
_entry.id   6RB7
#
_cell.length_a   73.181
_cell.length_b   121.390
_cell.length_c   86.980
_cell.angle_alpha   90.00
_cell.angle_beta   109.49
_cell.angle_gamma   90.00
#
_symmetry.space_group_name_H-M   'P 1 21 1'
#
loop_
_entity.id
_entity.type
_entity.pdbx_description
1 polymer 'Putative N-acetylneuraminate lyase'
2 non-polymer 2-AMINO-2-HYDROXYMETHYL-PROPANE-1,3-DIOL
3 non-polymer GLYCEROL
4 non-polymer DI(HYDROXYETHYL)ETHER
5 non-polymer BICINE
6 non-polymer 'MAGNESIUM ION'
7 water water
#
_entity_poly.entity_id   1
_entity_poly.type   'polypeptide(L)'
_entity_poly.pdbx_seq_one_letter_code
;MSYYHHHHHHDYDIPTTENLYFQGAMADIGSMRNLEKYKGVIPAFYACYDKEGNISPEGVQGLTKYFVKKGVKGVYVNGS
SGECIYQSVEDRKIVLENVMKVAEGKLTVIAHVACNNTKDSQELARHAEGLGVDAIAAIPPIYFHLPEYAIAQYWNAISA
AAPNTDFVIYNIPQLAGVALTQNLFVEMRKNPNVIGVANSSMPVQDIQMFKQAAGAEYIIFNGPDEQFMSGRVIGAEGAI
GGTYGAMPELYLKLDECINAGKMTEARKIQYACNEIIYKMCSAHGNMYAVIKAILKINEGLELGAVREPLPALVDEDMEI
VKEAAQMICDAKKKFL
;
_entity_poly.pdbx_strand_id   A,B,E,F
#
loop_
_chem_comp.id
_chem_comp.type
_chem_comp.name
_chem_comp.formula
BCN non-polymer BICINE 'C6 H13 N O4'
GOL non-polymer GLYCEROL 'C3 H8 O3'
MG non-polymer 'MAGNESIUM ION' 'Mg 2'
PEG non-polymer DI(HYDROXYETHYL)ETHER 'C4 H10 O3'
TRS non-polymer 2-AMINO-2-HYDROXYMETHYL-PROPANE-1,3-DIOL 'C4 H12 N O3 1'
#
# COMPACT_ATOMS: atom_id res chain seq x y z
N MET A 32 40.04 10.62 0.27
CA MET A 32 38.61 10.27 0.01
C MET A 32 38.46 9.87 -1.46
N ARG A 33 37.66 8.83 -1.71
CA ARG A 33 37.33 8.35 -3.07
C ARG A 33 36.81 9.54 -3.88
N ASN A 34 37.30 9.70 -5.09
CA ASN A 34 36.94 10.83 -5.99
C ASN A 34 35.73 10.43 -6.86
N LEU A 35 34.58 11.07 -6.61
CA LEU A 35 33.35 10.75 -7.40
C LEU A 35 32.94 11.94 -8.24
N GLU A 36 33.87 12.86 -8.54
CA GLU A 36 33.52 14.10 -9.27
C GLU A 36 32.89 13.77 -10.61
N LYS A 37 33.31 12.70 -11.27
CA LYS A 37 32.81 12.39 -12.64
C LYS A 37 31.33 12.04 -12.60
N TYR A 38 30.76 11.77 -11.41
CA TYR A 38 29.33 11.40 -11.30
C TYR A 38 28.48 12.60 -10.89
N LYS A 39 29.09 13.73 -10.58
CA LYS A 39 28.36 14.87 -10.00
C LYS A 39 27.92 15.76 -11.15
N GLY A 40 26.64 15.81 -11.33
CA GLY A 40 26.04 16.67 -12.36
C GLY A 40 24.83 15.98 -12.94
N VAL A 41 24.51 16.36 -14.14
CA VAL A 41 23.26 15.93 -14.80
C VAL A 41 23.60 14.74 -15.72
N ILE A 42 23.01 13.58 -15.42
CA ILE A 42 23.22 12.32 -16.16
C ILE A 42 21.86 11.85 -16.66
N PRO A 43 21.44 12.29 -17.86
CA PRO A 43 20.19 11.78 -18.41
C PRO A 43 20.15 10.27 -18.58
N ALA A 44 18.99 9.67 -18.35
CA ALA A 44 18.69 8.31 -18.84
C ALA A 44 18.69 8.34 -20.36
N PHE A 45 19.41 7.42 -20.94
CA PHE A 45 19.49 7.21 -22.38
C PHE A 45 18.26 6.46 -22.87
N TYR A 46 17.60 6.96 -23.91
CA TYR A 46 16.37 6.31 -24.43
C TYR A 46 16.71 5.14 -25.33
N ALA A 47 15.74 4.24 -25.46
CA ALA A 47 15.75 3.15 -26.47
C ALA A 47 15.63 3.77 -27.85
N CYS A 48 16.56 3.47 -28.74
CA CYS A 48 16.57 4.00 -30.13
C CYS A 48 16.33 2.83 -31.08
N TYR A 49 15.17 2.86 -31.75
CA TYR A 49 14.76 1.77 -32.63
C TYR A 49 14.69 2.25 -34.08
N ASP A 50 14.85 1.26 -34.96
CA ASP A 50 14.61 1.46 -36.40
C ASP A 50 13.11 1.32 -36.67
N LYS A 51 12.70 1.38 -37.94
CA LYS A 51 11.26 1.37 -38.29
C LYS A 51 10.66 -0.03 -38.06
N GLU A 52 11.49 -1.07 -38.01
CA GLU A 52 11.03 -2.48 -37.76
C GLU A 52 10.99 -2.74 -36.24
N GLY A 53 11.39 -1.78 -35.40
CA GLY A 53 11.38 -1.92 -33.93
C GLY A 53 12.61 -2.60 -33.38
N ASN A 54 13.67 -2.80 -34.15
CA ASN A 54 14.93 -3.35 -33.62
C ASN A 54 15.80 -2.19 -33.14
N ILE A 55 16.80 -2.48 -32.31
CA ILE A 55 17.77 -1.45 -31.88
C ILE A 55 18.46 -0.91 -33.13
N SER A 56 18.51 0.40 -33.26
CA SER A 56 19.19 1.10 -34.38
C SER A 56 20.57 1.54 -33.94
N PRO A 57 21.66 0.93 -34.47
CA PRO A 57 23.00 1.44 -34.20
C PRO A 57 23.13 2.93 -34.54
N GLU A 58 22.65 3.35 -35.71
CA GLU A 58 22.74 4.76 -36.15
C GLU A 58 21.92 5.67 -35.21
N GLY A 59 20.75 5.21 -34.77
CA GLY A 59 19.91 5.95 -33.81
C GLY A 59 20.60 6.13 -32.49
N VAL A 60 21.20 5.06 -31.99
CA VAL A 60 21.96 5.12 -30.71
C VAL A 60 23.12 6.12 -30.84
N GLN A 61 23.87 6.06 -31.94
CA GLN A 61 25.01 6.96 -32.10
C GLN A 61 24.50 8.41 -32.17
N GLY A 62 23.38 8.63 -32.85
CA GLY A 62 22.76 9.97 -32.97
C GLY A 62 22.43 10.54 -31.60
N LEU A 63 21.76 9.73 -30.78
CA LEU A 63 21.36 10.22 -29.45
C LEU A 63 22.59 10.44 -28.55
N THR A 64 23.63 9.64 -28.71
CA THR A 64 24.86 9.82 -27.90
C THR A 64 25.52 11.15 -28.28
N LYS A 65 25.63 11.42 -29.58
CA LYS A 65 26.28 12.68 -30.04
C LYS A 65 25.44 13.87 -29.57
N TYR A 66 24.11 13.72 -29.52
CA TYR A 66 23.21 14.75 -28.98
C TYR A 66 23.59 15.06 -27.53
N PHE A 67 23.75 14.04 -26.71
CA PHE A 67 24.10 14.28 -25.29
C PHE A 67 25.50 14.89 -25.15
N VAL A 68 26.46 14.48 -25.97
CA VAL A 68 27.80 15.12 -25.96
C VAL A 68 27.65 16.60 -26.30
N LYS A 69 26.90 16.94 -27.35
CA LYS A 69 26.77 18.35 -27.76
C LYS A 69 25.98 19.17 -26.72
N LYS A 70 25.08 18.57 -25.95
CA LYS A 70 24.36 19.30 -24.91
C LYS A 70 25.21 19.51 -23.66
N GLY A 71 26.34 18.85 -23.54
CA GLY A 71 27.27 19.12 -22.44
C GLY A 71 26.78 18.56 -21.12
N VAL A 72 26.02 17.47 -21.15
CA VAL A 72 25.66 16.79 -19.88
C VAL A 72 26.87 16.04 -19.34
N LYS A 73 26.81 15.65 -18.06
CA LYS A 73 27.95 15.01 -17.40
C LYS A 73 28.16 13.62 -17.95
N GLY A 74 27.07 12.92 -18.19
CA GLY A 74 27.13 11.50 -18.55
C GLY A 74 25.81 11.01 -19.04
N VAL A 75 25.74 9.72 -19.28
CA VAL A 75 24.48 9.05 -19.66
C VAL A 75 24.31 7.78 -18.84
N TYR A 76 23.07 7.47 -18.52
CA TYR A 76 22.65 6.28 -17.77
C TYR A 76 21.96 5.38 -18.78
N VAL A 77 22.67 4.31 -19.18
CA VAL A 77 22.28 3.52 -20.37
C VAL A 77 21.56 2.23 -19.96
N ASN A 78 20.50 1.89 -20.70
CA ASN A 78 19.75 0.63 -20.53
C ASN A 78 19.12 0.59 -19.13
N GLY A 79 18.67 1.73 -18.62
CA GLY A 79 17.76 1.77 -17.48
C GLY A 79 16.33 1.46 -17.90
N SER A 80 15.37 1.54 -16.97
CA SER A 80 13.96 1.34 -17.33
C SER A 80 13.48 2.46 -18.25
N SER A 81 14.03 3.68 -18.14
CA SER A 81 13.70 4.79 -19.08
C SER A 81 14.23 4.44 -20.46
N GLY A 82 15.25 3.58 -20.55
CA GLY A 82 15.76 3.02 -21.80
C GLY A 82 15.08 1.73 -22.20
N GLU A 83 13.95 1.41 -21.59
CA GLU A 83 13.09 0.25 -21.94
C GLU A 83 13.82 -1.07 -21.68
N CYS A 84 14.69 -1.12 -20.68
CA CYS A 84 15.51 -2.34 -20.46
C CYS A 84 14.64 -3.53 -20.15
N ILE A 85 13.52 -3.33 -19.46
CA ILE A 85 12.57 -4.41 -19.10
C ILE A 85 12.20 -5.17 -20.37
N TYR A 86 12.12 -4.46 -21.50
CA TYR A 86 11.56 -4.95 -22.77
C TYR A 86 12.65 -5.38 -23.76
N GLN A 87 13.91 -5.39 -23.35
N GLN A 87 13.91 -5.38 -23.35
CA GLN A 87 15.05 -5.63 -24.26
CA GLN A 87 15.03 -5.63 -24.27
C GLN A 87 15.70 -6.95 -23.92
C GLN A 87 15.69 -6.96 -23.92
N SER A 88 16.28 -7.59 -24.93
CA SER A 88 17.12 -8.78 -24.76
C SER A 88 18.52 -8.37 -24.32
N VAL A 89 19.29 -9.34 -23.87
CA VAL A 89 20.73 -9.13 -23.60
C VAL A 89 21.38 -8.60 -24.86
N GLU A 90 21.12 -9.22 -26.01
CA GLU A 90 21.76 -8.77 -27.28
C GLU A 90 21.38 -7.33 -27.60
N ASP A 91 20.11 -6.94 -27.43
CA ASP A 91 19.67 -5.54 -27.65
C ASP A 91 20.52 -4.61 -26.79
N ARG A 92 20.66 -4.94 -25.50
CA ARG A 92 21.34 -4.06 -24.55
C ARG A 92 22.84 -3.97 -24.87
N LYS A 93 23.44 -5.05 -25.33
CA LYS A 93 24.84 -5.01 -25.78
C LYS A 93 24.99 -4.08 -26.98
N ILE A 94 24.09 -4.18 -27.95
CA ILE A 94 24.14 -3.31 -29.15
C ILE A 94 24.02 -1.84 -28.73
N VAL A 95 23.10 -1.53 -27.81
CA VAL A 95 22.98 -0.13 -27.37
C VAL A 95 24.31 0.35 -26.80
N LEU A 96 24.87 -0.39 -25.84
CA LEU A 96 26.05 0.11 -25.12
C LEU A 96 27.26 0.19 -26.07
N GLU A 97 27.41 -0.78 -26.96
CA GLU A 97 28.50 -0.73 -27.96
C GLU A 97 28.42 0.55 -28.77
N ASN A 98 27.23 0.94 -29.22
CA ASN A 98 27.04 2.14 -30.06
C ASN A 98 27.20 3.42 -29.26
N VAL A 99 26.84 3.44 -27.98
CA VAL A 99 27.18 4.61 -27.12
C VAL A 99 28.69 4.77 -27.06
N MET A 100 29.36 3.69 -26.74
CA MET A 100 30.83 3.78 -26.43
C MET A 100 31.58 4.09 -27.73
N LYS A 101 31.03 3.70 -28.88
CA LYS A 101 31.65 3.92 -30.22
C LYS A 101 31.83 5.41 -30.44
N VAL A 102 30.91 6.27 -29.98
CA VAL A 102 30.92 7.68 -30.47
C VAL A 102 31.04 8.62 -29.30
N ALA A 103 31.07 8.16 -28.06
CA ALA A 103 31.11 9.10 -26.92
C ALA A 103 32.47 9.81 -26.82
N GLU A 104 33.51 9.18 -27.31
CA GLU A 104 34.87 9.77 -27.42
C GLU A 104 35.36 10.17 -26.01
N GLY A 105 35.00 9.43 -24.94
CA GLY A 105 35.42 9.76 -23.57
C GLY A 105 34.79 11.03 -23.03
N LYS A 106 33.79 11.62 -23.70
CA LYS A 106 33.24 12.92 -23.32
C LYS A 106 32.13 12.77 -22.28
N LEU A 107 31.69 11.55 -22.01
CA LEU A 107 30.55 11.28 -21.10
C LEU A 107 30.99 10.30 -20.04
N THR A 108 30.55 10.53 -18.81
CA THR A 108 30.57 9.48 -17.79
C THR A 108 29.50 8.47 -18.23
N VAL A 109 29.81 7.19 -18.27
CA VAL A 109 28.84 6.18 -18.74
C VAL A 109 28.52 5.26 -17.60
N ILE A 110 27.24 5.22 -17.20
CA ILE A 110 26.75 4.26 -16.20
C ILE A 110 25.85 3.29 -16.96
N ALA A 111 26.20 2.02 -16.99
CA ALA A 111 25.43 0.98 -17.71
C ALA A 111 24.59 0.18 -16.70
N HIS A 112 23.27 0.37 -16.76
CA HIS A 112 22.33 -0.45 -15.99
C HIS A 112 22.30 -1.85 -16.59
N VAL A 113 22.66 -2.87 -15.79
CA VAL A 113 22.85 -4.24 -16.33
C VAL A 113 21.91 -5.23 -15.70
N ALA A 114 21.01 -4.82 -14.81
CA ALA A 114 20.09 -5.78 -14.15
C ALA A 114 19.10 -6.32 -15.18
N CYS A 115 18.91 -7.62 -15.12
CA CYS A 115 17.93 -8.40 -15.88
C CYS A 115 17.08 -9.20 -14.89
N ASN A 116 16.05 -9.86 -15.38
CA ASN A 116 15.17 -10.63 -14.49
C ASN A 116 16.01 -11.69 -13.74
N ASN A 117 16.90 -12.40 -14.45
CA ASN A 117 17.76 -13.42 -13.80
C ASN A 117 19.17 -12.92 -13.57
N THR A 118 19.88 -13.64 -12.71
CA THR A 118 21.26 -13.23 -12.35
C THR A 118 22.21 -13.48 -13.51
N LYS A 119 22.07 -14.59 -14.22
CA LYS A 119 23.12 -14.91 -15.24
C LYS A 119 23.11 -13.90 -16.39
N ASP A 120 21.94 -13.42 -16.82
CA ASP A 120 21.87 -12.40 -17.88
C ASP A 120 22.50 -11.11 -17.35
N SER A 121 22.23 -10.78 -16.08
CA SER A 121 22.81 -9.57 -15.44
C SER A 121 24.35 -9.66 -15.41
N GLN A 122 24.89 -10.83 -15.03
CA GLN A 122 26.34 -11.04 -15.00
C GLN A 122 26.91 -10.93 -16.42
N GLU A 123 26.21 -11.42 -17.43
CA GLU A 123 26.67 -11.34 -18.85
C GLU A 123 26.78 -9.87 -19.24
N LEU A 124 25.77 -9.06 -18.91
CA LEU A 124 25.83 -7.64 -19.27
C LEU A 124 26.89 -6.92 -18.45
N ALA A 125 27.09 -7.27 -17.19
CA ALA A 125 28.13 -6.66 -16.35
C ALA A 125 29.52 -6.88 -17.00
N ARG A 126 29.80 -8.13 -17.37
CA ARG A 126 31.11 -8.49 -17.95
C ARG A 126 31.29 -7.73 -19.26
N HIS A 127 30.24 -7.67 -20.08
CA HIS A 127 30.28 -6.96 -21.36
C HIS A 127 30.59 -5.47 -21.12
N ALA A 128 29.92 -4.86 -20.14
CA ALA A 128 30.10 -3.43 -19.83
C ALA A 128 31.52 -3.15 -19.36
N GLU A 129 32.07 -3.99 -18.48
CA GLU A 129 33.45 -3.80 -18.00
C GLU A 129 34.39 -3.95 -19.22
N GLY A 130 34.09 -4.85 -20.12
CA GLY A 130 34.91 -5.04 -21.34
C GLY A 130 34.97 -3.78 -22.19
N LEU A 131 33.94 -2.94 -22.16
CA LEU A 131 33.89 -1.68 -22.93
C LEU A 131 34.42 -0.49 -22.12
N GLY A 132 34.75 -0.67 -20.83
CA GLY A 132 35.36 0.39 -20.02
C GLY A 132 34.35 1.45 -19.59
N VAL A 133 33.14 1.00 -19.24
CA VAL A 133 32.16 1.96 -18.67
C VAL A 133 32.72 2.46 -17.33
N ASP A 134 32.23 3.60 -16.86
CA ASP A 134 32.63 4.16 -15.56
C ASP A 134 32.00 3.35 -14.43
N ALA A 135 30.72 3.00 -14.58
CA ALA A 135 30.00 2.27 -13.54
C ALA A 135 28.98 1.35 -14.20
N ILE A 136 28.58 0.34 -13.45
CA ILE A 136 27.38 -0.45 -13.74
C ILE A 136 26.37 -0.16 -12.63
N ALA A 137 25.12 -0.40 -12.95
CA ALA A 137 24.00 -0.17 -12.01
C ALA A 137 23.04 -1.34 -12.04
N ALA A 138 22.24 -1.48 -10.97
CA ALA A 138 21.24 -2.56 -10.91
C ALA A 138 20.07 -2.13 -10.01
N ILE A 139 18.87 -2.22 -10.59
CA ILE A 139 17.63 -2.33 -9.78
C ILE A 139 17.69 -3.60 -8.96
N PRO A 140 16.82 -3.77 -7.97
CA PRO A 140 16.70 -5.04 -7.28
C PRO A 140 16.04 -6.08 -8.16
N PRO A 141 16.00 -7.34 -7.68
CA PRO A 141 15.12 -8.34 -8.27
C PRO A 141 13.67 -7.85 -8.24
N ILE A 142 12.93 -8.20 -9.27
CA ILE A 142 11.53 -7.71 -9.44
C ILE A 142 10.52 -8.86 -9.36
N TYR A 143 9.23 -8.50 -9.35
CA TYR A 143 8.06 -9.41 -9.39
C TYR A 143 7.92 -10.15 -8.08
N PHE A 144 8.73 -11.18 -7.82
CA PHE A 144 8.80 -11.78 -6.48
C PHE A 144 9.47 -10.81 -5.52
N HIS A 145 9.05 -10.80 -4.27
CA HIS A 145 9.67 -9.94 -3.24
C HIS A 145 10.69 -10.79 -2.50
N LEU A 146 11.96 -10.63 -2.81
CA LEU A 146 12.99 -11.52 -2.27
C LEU A 146 13.54 -10.93 -0.98
N PRO A 147 14.04 -11.80 -0.09
CA PRO A 147 14.64 -11.34 1.15
C PRO A 147 15.92 -10.57 0.91
N GLU A 148 16.29 -9.77 1.92
CA GLU A 148 17.47 -8.89 1.74
C GLU A 148 18.73 -9.70 1.41
N TYR A 149 18.93 -10.88 2.00
CA TYR A 149 20.15 -11.66 1.70
C TYR A 149 20.17 -12.06 0.22
N ALA A 150 19.01 -12.33 -0.39
CA ALA A 150 18.92 -12.70 -1.82
C ALA A 150 19.19 -11.47 -2.70
N ILE A 151 18.69 -10.31 -2.28
CA ILE A 151 18.95 -9.06 -3.02
C ILE A 151 20.44 -8.75 -3.01
N ALA A 152 21.09 -8.85 -1.84
CA ALA A 152 22.55 -8.62 -1.74
C ALA A 152 23.30 -9.63 -2.60
N GLN A 153 22.86 -10.88 -2.59
CA GLN A 153 23.57 -11.93 -3.39
C GLN A 153 23.47 -11.56 -4.87
N TYR A 154 22.31 -11.09 -5.33
CA TYR A 154 22.09 -10.71 -6.73
C TYR A 154 23.06 -9.57 -7.09
N TRP A 155 23.04 -8.49 -6.32
CA TRP A 155 23.93 -7.33 -6.60
C TRP A 155 25.40 -7.74 -6.53
N ASN A 156 25.76 -8.50 -5.52
CA ASN A 156 27.18 -8.91 -5.36
C ASN A 156 27.58 -9.82 -6.53
N ALA A 157 26.70 -10.67 -7.03
CA ALA A 157 27.01 -11.55 -8.17
C ALA A 157 27.23 -10.72 -9.40
N ILE A 158 26.38 -9.70 -9.60
CA ILE A 158 26.54 -8.80 -10.76
C ILE A 158 27.87 -8.05 -10.62
N SER A 159 28.16 -7.53 -9.44
CA SER A 159 29.40 -6.76 -9.19
C SER A 159 30.62 -7.68 -9.44
N ALA A 160 30.56 -8.93 -9.01
CA ALA A 160 31.73 -9.85 -9.16
C ALA A 160 31.99 -10.14 -10.64
N ALA A 161 31.03 -9.98 -11.53
CA ALA A 161 31.20 -10.19 -12.98
C ALA A 161 31.91 -8.98 -13.61
N ALA A 162 31.92 -7.83 -12.92
CA ALA A 162 32.60 -6.59 -13.34
C ALA A 162 33.42 -6.11 -12.16
N PRO A 163 34.42 -6.92 -11.75
CA PRO A 163 35.04 -6.71 -10.45
C PRO A 163 35.93 -5.47 -10.35
N ASN A 164 36.20 -4.81 -11.46
CA ASN A 164 37.05 -3.59 -11.50
C ASN A 164 36.18 -2.37 -11.74
N THR A 165 34.85 -2.49 -11.63
CA THR A 165 33.91 -1.44 -12.07
C THR A 165 33.11 -0.91 -10.89
N ASP A 166 33.00 0.41 -10.79
CA ASP A 166 32.09 1.08 -9.83
C ASP A 166 30.66 0.54 -9.97
N PHE A 167 29.95 0.43 -8.85
CA PHE A 167 28.61 -0.19 -8.81
C PHE A 167 27.64 0.78 -8.13
N VAL A 168 26.53 1.03 -8.80
CA VAL A 168 25.40 1.89 -8.31
C VAL A 168 24.17 1.04 -8.06
N ILE A 169 23.63 1.09 -6.84
CA ILE A 169 22.32 0.45 -6.53
C ILE A 169 21.23 1.39 -7.00
N TYR A 170 20.23 0.88 -7.71
CA TYR A 170 19.07 1.70 -8.13
C TYR A 170 17.89 1.36 -7.23
N ASN A 171 17.49 2.30 -6.36
CA ASN A 171 16.37 2.09 -5.42
C ASN A 171 15.09 2.61 -6.05
N ILE A 172 14.14 1.73 -6.31
N ILE A 172 14.14 1.73 -6.29
CA ILE A 172 12.85 2.10 -6.95
CA ILE A 172 12.86 2.08 -6.96
C ILE A 172 11.75 1.21 -6.39
C ILE A 172 11.76 1.20 -6.39
N PRO A 173 11.44 1.34 -5.08
CA PRO A 173 10.56 0.40 -4.41
C PRO A 173 9.16 0.37 -5.02
N GLN A 174 8.70 1.50 -5.55
CA GLN A 174 7.34 1.63 -6.13
C GLN A 174 7.15 0.67 -7.30
N LEU A 175 8.20 0.39 -8.05
CA LEU A 175 8.13 -0.52 -9.24
C LEU A 175 8.72 -1.89 -8.91
N ALA A 176 9.86 -1.96 -8.23
CA ALA A 176 10.51 -3.25 -7.94
C ALA A 176 9.76 -4.05 -6.88
N GLY A 177 9.06 -3.39 -5.94
CA GLY A 177 8.31 -4.04 -4.87
C GLY A 177 9.11 -4.32 -3.63
N VAL A 178 10.41 -4.03 -3.67
CA VAL A 178 11.32 -4.15 -2.52
C VAL A 178 12.15 -2.86 -2.48
N ALA A 179 12.62 -2.50 -1.28
CA ALA A 179 13.41 -1.30 -1.02
C ALA A 179 14.84 -1.65 -0.64
N LEU A 180 15.75 -0.72 -0.95
CA LEU A 180 17.04 -0.62 -0.27
C LEU A 180 16.82 -0.08 1.12
N THR A 181 16.82 -0.97 2.11
CA THR A 181 16.70 -0.57 3.52
C THR A 181 18.05 -0.09 4.05
N GLN A 182 18.04 0.56 5.23
CA GLN A 182 19.33 0.97 5.83
C GLN A 182 20.21 -0.25 6.09
N ASN A 183 19.64 -1.37 6.56
CA ASN A 183 20.42 -2.59 6.88
C ASN A 183 21.01 -3.17 5.60
N LEU A 184 20.22 -3.19 4.50
CA LEU A 184 20.74 -3.75 3.24
C LEU A 184 21.85 -2.84 2.72
N PHE A 185 21.74 -1.53 2.90
CA PHE A 185 22.80 -0.62 2.42
C PHE A 185 24.08 -0.85 3.24
N VAL A 186 23.97 -1.07 4.55
CA VAL A 186 25.16 -1.41 5.38
C VAL A 186 25.82 -2.64 4.77
N GLU A 187 25.04 -3.69 4.48
CA GLU A 187 25.62 -4.92 3.93
C GLU A 187 26.31 -4.61 2.59
N MET A 188 25.67 -3.84 1.73
CA MET A 188 26.23 -3.58 0.39
C MET A 188 27.50 -2.71 0.46
N ARG A 189 27.66 -1.87 1.50
CA ARG A 189 28.86 -1.01 1.61
C ARG A 189 30.07 -1.87 1.96
N LYS A 190 29.89 -3.13 2.33
CA LYS A 190 31.00 -4.09 2.50
C LYS A 190 31.69 -4.39 1.18
N ASN A 191 30.99 -4.20 0.06
CA ASN A 191 31.57 -4.37 -1.28
C ASN A 191 32.23 -3.05 -1.65
N PRO A 192 33.54 -2.98 -1.82
CA PRO A 192 34.23 -1.71 -2.02
C PRO A 192 33.90 -1.07 -3.39
N ASN A 193 33.37 -1.83 -4.33
CA ASN A 193 32.99 -1.29 -5.65
C ASN A 193 31.71 -0.46 -5.56
N VAL A 194 30.90 -0.65 -4.53
CA VAL A 194 29.64 0.15 -4.40
C VAL A 194 30.04 1.61 -4.15
N ILE A 195 29.55 2.51 -5.01
CA ILE A 195 29.83 3.95 -4.93
C ILE A 195 28.60 4.71 -4.47
N GLY A 196 27.44 4.06 -4.38
CA GLY A 196 26.25 4.79 -3.93
C GLY A 196 24.99 4.31 -4.58
N VAL A 197 24.00 5.18 -4.58
CA VAL A 197 22.57 4.83 -4.76
C VAL A 197 21.94 5.84 -5.71
N ALA A 198 21.29 5.37 -6.75
CA ALA A 198 20.35 6.18 -7.53
C ALA A 198 18.98 6.03 -6.90
N ASN A 199 18.50 7.07 -6.25
CA ASN A 199 17.29 6.95 -5.41
C ASN A 199 16.07 7.48 -6.14
N SER A 200 15.12 6.58 -6.43
CA SER A 200 13.86 6.97 -7.12
C SER A 200 12.63 6.77 -6.21
N SER A 201 12.82 6.44 -4.95
CA SER A 201 11.72 6.51 -3.97
C SER A 201 11.33 7.99 -3.85
N MET A 202 10.10 8.26 -3.43
CA MET A 202 9.64 9.65 -3.36
C MET A 202 10.15 10.45 -2.17
N PRO A 203 10.37 9.88 -0.96
CA PRO A 203 10.84 10.71 0.15
C PRO A 203 12.27 11.20 -0.07
N VAL A 204 12.50 12.52 -0.02
CA VAL A 204 13.90 13.03 -0.01
C VAL A 204 14.54 12.65 1.31
N GLN A 205 13.77 12.29 2.34
CA GLN A 205 14.35 11.75 3.57
C GLN A 205 15.22 10.55 3.20
N ASP A 206 14.84 9.72 2.22
CA ASP A 206 15.63 8.52 1.90
C ASP A 206 17.01 8.95 1.39
N ILE A 207 17.08 10.00 0.57
CA ILE A 207 18.37 10.56 0.12
C ILE A 207 19.22 10.97 1.33
N GLN A 208 18.60 11.74 2.23
CA GLN A 208 19.30 12.23 3.44
C GLN A 208 19.82 11.07 4.27
N MET A 209 19.01 10.02 4.47
CA MET A 209 19.42 8.91 5.36
C MET A 209 20.55 8.13 4.68
N PHE A 210 20.44 7.86 3.39
CA PHE A 210 21.49 7.09 2.68
C PHE A 210 22.80 7.90 2.76
N LYS A 211 22.74 9.20 2.52
CA LYS A 211 23.95 10.08 2.48
C LYS A 211 24.54 10.16 3.88
N GLN A 212 23.71 10.35 4.90
CA GLN A 212 24.20 10.45 6.31
C GLN A 212 24.87 9.14 6.71
N ALA A 213 24.29 8.00 6.37
CA ALA A 213 24.85 6.70 6.74
C ALA A 213 26.19 6.49 6.02
N ALA A 214 26.28 6.83 4.75
CA ALA A 214 27.40 6.44 3.87
C ALA A 214 28.56 7.44 4.00
N GLY A 215 28.29 8.73 4.06
CA GLY A 215 29.32 9.77 4.13
C GLY A 215 29.92 10.15 2.79
N ALA A 216 31.07 10.80 2.81
CA ALA A 216 31.60 11.54 1.65
C ALA A 216 32.12 10.63 0.52
N GLU A 217 32.42 9.37 0.81
CA GLU A 217 32.99 8.45 -0.22
C GLU A 217 31.88 7.79 -1.02
N TYR A 218 30.63 8.24 -0.89
CA TYR A 218 29.50 7.69 -1.66
C TYR A 218 28.72 8.84 -2.24
N ILE A 219 28.04 8.56 -3.35
CA ILE A 219 27.19 9.54 -4.03
C ILE A 219 25.76 9.00 -4.09
N ILE A 220 24.82 9.89 -3.81
CA ILE A 220 23.39 9.60 -4.02
C ILE A 220 22.94 10.40 -5.24
N PHE A 221 22.29 9.74 -6.18
CA PHE A 221 21.73 10.40 -7.35
C PHE A 221 20.24 10.64 -7.15
N ASN A 222 19.78 11.86 -7.39
CA ASN A 222 18.32 12.13 -7.33
C ASN A 222 17.65 11.49 -8.55
N GLY A 223 16.67 10.64 -8.32
CA GLY A 223 15.87 9.95 -9.35
C GLY A 223 14.59 10.66 -9.73
N PRO A 224 13.75 11.17 -8.81
CA PRO A 224 12.47 11.80 -9.19
C PRO A 224 12.71 13.20 -9.78
N ASP A 225 12.55 13.34 -11.09
CA ASP A 225 12.96 14.60 -11.77
C ASP A 225 12.17 15.78 -11.19
N GLU A 226 10.90 15.55 -10.84
CA GLU A 226 9.99 16.58 -10.31
C GLU A 226 10.48 17.14 -8.97
N GLN A 227 11.41 16.46 -8.34
CA GLN A 227 11.96 16.86 -7.01
C GLN A 227 13.47 17.19 -7.11
N PHE A 228 14.00 17.37 -8.32
CA PHE A 228 15.45 17.58 -8.58
C PHE A 228 16.06 18.54 -7.55
N MET A 229 15.52 19.74 -7.41
CA MET A 229 16.19 20.76 -6.58
C MET A 229 16.17 20.34 -5.11
N SER A 230 15.11 19.67 -4.68
CA SER A 230 14.91 19.26 -3.29
C SER A 230 15.85 18.11 -2.95
N GLY A 231 16.00 17.13 -3.82
CA GLY A 231 16.93 16.02 -3.57
C GLY A 231 18.37 16.51 -3.58
N ARG A 232 18.69 17.40 -4.51
CA ARG A 232 20.05 18.00 -4.59
C ARG A 232 20.41 18.71 -3.29
N VAL A 233 19.54 19.57 -2.77
CA VAL A 233 19.99 20.39 -1.60
C VAL A 233 20.13 19.50 -0.36
N ILE A 234 19.41 18.38 -0.27
CA ILE A 234 19.46 17.59 0.98
C ILE A 234 20.57 16.56 0.91
N GLY A 235 21.32 16.49 -0.18
CA GLY A 235 22.56 15.70 -0.20
C GLY A 235 22.82 14.84 -1.42
N ALA A 236 21.93 14.80 -2.40
CA ALA A 236 22.22 14.11 -3.66
C ALA A 236 23.17 15.00 -4.46
N GLU A 237 24.36 14.54 -4.79
CA GLU A 237 25.32 15.31 -5.61
C GLU A 237 25.23 14.91 -7.08
N GLY A 238 24.49 13.85 -7.38
CA GLY A 238 24.21 13.46 -8.76
C GLY A 238 22.72 13.44 -9.04
N ALA A 239 22.38 13.28 -10.29
CA ALA A 239 21.01 13.36 -10.77
C ALA A 239 20.87 12.53 -12.03
N ILE A 240 20.00 11.52 -11.99
CA ILE A 240 19.73 10.61 -13.13
C ILE A 240 18.24 10.71 -13.40
N GLY A 241 17.83 11.05 -14.60
CA GLY A 241 16.42 11.32 -14.84
C GLY A 241 15.95 10.92 -16.23
N GLY A 242 14.76 10.39 -16.28
CA GLY A 242 14.11 9.97 -17.53
C GLY A 242 13.64 11.12 -18.40
N THR A 243 13.41 12.32 -17.84
CA THR A 243 12.87 13.44 -18.66
C THR A 243 14.00 14.35 -19.10
N TYR A 244 15.23 14.13 -18.63
CA TYR A 244 16.31 15.11 -18.89
C TYR A 244 16.56 15.20 -20.38
N GLY A 245 16.48 14.10 -21.10
CA GLY A 245 16.80 14.10 -22.55
C GLY A 245 15.84 14.94 -23.37
N ALA A 246 14.66 15.24 -22.87
CA ALA A 246 13.70 16.14 -23.56
C ALA A 246 14.19 17.59 -23.51
N MET A 247 14.98 17.95 -22.49
CA MET A 247 15.25 19.38 -22.16
C MET A 247 16.51 19.50 -21.34
N PRO A 248 17.65 18.94 -21.81
CA PRO A 248 18.82 18.84 -20.95
C PRO A 248 19.37 20.19 -20.52
N GLU A 249 19.24 21.21 -21.36
CA GLU A 249 19.74 22.56 -21.02
C GLU A 249 19.01 23.08 -19.80
N LEU A 250 17.73 22.75 -19.61
CA LEU A 250 16.97 23.29 -18.46
C LEU A 250 17.51 22.66 -17.17
N TYR A 251 17.76 21.34 -17.18
CA TYR A 251 18.31 20.70 -15.96
C TYR A 251 19.75 21.18 -15.72
N LEU A 252 20.57 21.41 -16.76
CA LEU A 252 21.92 21.97 -16.54
C LEU A 252 21.82 23.34 -15.89
N LYS A 253 20.88 24.17 -16.35
CA LYS A 253 20.73 25.52 -15.78
C LYS A 253 20.18 25.44 -14.36
N LEU A 254 19.26 24.51 -14.11
CA LEU A 254 18.75 24.28 -12.73
C LEU A 254 19.91 23.94 -11.82
N ASP A 255 20.77 23.02 -12.24
CA ASP A 255 21.91 22.57 -11.41
C ASP A 255 22.85 23.74 -11.18
N GLU A 256 23.08 24.57 -12.19
CA GLU A 256 23.94 25.78 -12.05
C GLU A 256 23.34 26.70 -10.98
N CYS A 257 22.04 26.94 -11.01
CA CYS A 257 21.37 27.79 -10.00
C CYS A 257 21.52 27.17 -8.61
N ILE A 258 21.32 25.87 -8.47
CA ILE A 258 21.44 25.22 -7.13
C ILE A 258 22.87 25.39 -6.61
N ASN A 259 23.86 25.15 -7.45
CA ASN A 259 25.28 25.21 -7.01
C ASN A 259 25.62 26.66 -6.62
N ALA A 260 24.93 27.65 -7.19
CA ALA A 260 25.18 29.08 -6.89
C ALA A 260 24.34 29.57 -5.69
N GLY A 261 23.48 28.72 -5.12
CA GLY A 261 22.59 29.13 -4.02
C GLY A 261 21.46 30.03 -4.51
N LYS A 262 21.17 30.04 -5.81
CA LYS A 262 20.13 30.91 -6.42
C LYS A 262 18.81 30.14 -6.43
N MET A 263 18.17 30.06 -5.27
N MET A 263 18.17 30.04 -5.26
CA MET A 263 17.02 29.14 -5.09
CA MET A 263 17.02 29.14 -5.08
C MET A 263 15.77 29.71 -5.76
C MET A 263 15.77 29.71 -5.78
N THR A 264 15.61 31.03 -5.89
CA THR A 264 14.43 31.61 -6.59
C THR A 264 14.51 31.23 -8.08
N GLU A 265 15.68 31.42 -8.69
CA GLU A 265 15.86 31.09 -10.10
C GLU A 265 15.69 29.58 -10.30
N ALA A 266 16.24 28.78 -9.37
CA ALA A 266 16.09 27.31 -9.42
C ALA A 266 14.62 26.95 -9.39
N ARG A 267 13.85 27.54 -8.49
CA ARG A 267 12.40 27.21 -8.38
C ARG A 267 11.69 27.54 -9.69
N LYS A 268 12.01 28.68 -10.33
CA LYS A 268 11.37 29.00 -11.62
C LYS A 268 11.60 27.88 -12.64
N ILE A 269 12.84 27.39 -12.72
CA ILE A 269 13.18 26.35 -13.70
C ILE A 269 12.49 25.03 -13.32
N GLN A 270 12.59 24.66 -12.04
CA GLN A 270 11.94 23.42 -11.56
C GLN A 270 10.46 23.44 -11.90
N TYR A 271 9.78 24.57 -11.67
CA TYR A 271 8.33 24.64 -11.92
C TYR A 271 8.04 24.51 -13.42
N ALA A 272 8.89 25.11 -14.26
CA ALA A 272 8.71 25.00 -15.73
C ALA A 272 8.95 23.55 -16.17
N CYS A 273 10.00 22.92 -15.66
CA CYS A 273 10.26 21.50 -15.98
C CYS A 273 9.06 20.66 -15.57
N ASN A 274 8.56 20.86 -14.35
CA ASN A 274 7.47 20.01 -13.83
C ASN A 274 6.22 20.19 -14.70
N GLU A 275 5.90 21.43 -15.09
CA GLU A 275 4.73 21.69 -15.96
C GLU A 275 4.87 20.89 -17.26
N ILE A 276 6.08 20.88 -17.83
CA ILE A 276 6.35 20.11 -19.06
C ILE A 276 6.14 18.63 -18.78
N ILE A 277 6.68 18.10 -17.68
CA ILE A 277 6.50 16.66 -17.37
C ILE A 277 5.01 16.34 -17.28
N TYR A 278 4.23 17.18 -16.58
CA TYR A 278 2.81 16.88 -16.40
C TYR A 278 2.12 16.89 -17.78
N LYS A 279 2.51 17.81 -18.65
CA LYS A 279 1.93 17.85 -20.01
C LYS A 279 2.31 16.55 -20.77
N MET A 280 3.56 16.13 -20.70
CA MET A 280 3.96 14.93 -21.44
C MET A 280 3.22 13.71 -20.90
N CYS A 281 2.93 13.68 -19.61
CA CYS A 281 2.27 12.49 -18.98
C CYS A 281 0.76 12.50 -19.22
N SER A 282 0.22 13.57 -19.80
CA SER A 282 -1.23 13.73 -20.05
C SER A 282 -1.68 13.00 -21.33
N ALA A 283 -0.74 12.51 -22.13
CA ALA A 283 -1.01 11.81 -23.38
C ALA A 283 -1.58 10.41 -23.10
N HIS A 284 -2.27 9.88 -24.11
CA HIS A 284 -2.68 8.46 -24.15
C HIS A 284 -1.42 7.58 -24.28
N GLY A 285 -0.56 7.89 -25.24
CA GLY A 285 0.72 7.22 -25.43
C GLY A 285 1.63 7.40 -24.22
N ASN A 286 2.58 6.49 -24.10
CA ASN A 286 3.57 6.47 -23.01
C ASN A 286 4.39 7.77 -23.04
N MET A 287 4.81 8.22 -21.86
CA MET A 287 5.64 9.44 -21.73
C MET A 287 6.88 9.35 -22.62
N TYR A 288 7.57 8.20 -22.70
CA TYR A 288 8.79 8.07 -23.53
C TYR A 288 8.41 8.21 -25.01
N ALA A 289 7.22 7.76 -25.39
CA ALA A 289 6.74 7.95 -26.81
C ALA A 289 6.58 9.45 -27.07
N VAL A 290 6.04 10.19 -26.10
CA VAL A 290 5.92 11.66 -26.22
C VAL A 290 7.30 12.26 -26.37
N ILE A 291 8.26 11.85 -25.52
CA ILE A 291 9.61 12.46 -25.59
C ILE A 291 10.27 12.17 -26.94
N LYS A 292 10.15 10.94 -27.46
CA LYS A 292 10.80 10.67 -28.76
C LYS A 292 10.16 11.54 -29.84
N ALA A 293 8.86 11.80 -29.77
CA ALA A 293 8.18 12.64 -30.78
C ALA A 293 8.65 14.11 -30.61
N ILE A 294 8.81 14.57 -29.38
CA ILE A 294 9.35 15.93 -29.10
C ILE A 294 10.74 16.04 -29.71
N LEU A 295 11.59 15.05 -29.54
CA LEU A 295 12.99 15.15 -30.04
C LEU A 295 12.98 15.14 -31.57
N LYS A 296 12.01 14.51 -32.20
CA LYS A 296 11.89 14.64 -33.69
C LYS A 296 11.56 16.10 -34.04
N ILE A 297 10.60 16.74 -33.36
CA ILE A 297 10.22 18.15 -33.65
C ILE A 297 11.36 19.10 -33.35
N ASN A 298 11.94 19.00 -32.14
CA ASN A 298 12.85 20.07 -31.67
C ASN A 298 14.28 19.80 -32.14
N GLU A 299 14.64 18.55 -32.45
CA GLU A 299 16.05 18.20 -32.76
C GLU A 299 16.20 17.46 -34.08
N GLY A 300 15.12 17.05 -34.73
CA GLY A 300 15.19 16.21 -35.93
C GLY A 300 15.78 14.84 -35.64
N LEU A 301 15.72 14.37 -34.40
CA LEU A 301 16.24 13.03 -34.07
C LEU A 301 15.14 12.01 -34.34
N GLU A 302 15.51 10.85 -34.89
N GLU A 302 15.52 10.86 -34.90
CA GLU A 302 14.61 9.73 -35.20
CA GLU A 302 14.64 9.70 -35.13
C GLU A 302 14.95 8.58 -34.24
C GLU A 302 15.01 8.62 -34.12
N LEU A 303 14.17 8.41 -33.18
N LEU A 303 14.14 8.40 -33.16
CA LEU A 303 14.47 7.42 -32.11
CA LEU A 303 14.44 7.43 -32.09
C LEU A 303 13.53 6.23 -32.23
C LEU A 303 13.51 6.23 -32.21
N GLY A 304 12.58 6.26 -33.17
CA GLY A 304 11.61 5.16 -33.28
C GLY A 304 10.51 5.29 -32.23
N ALA A 305 9.77 4.22 -32.13
CA ALA A 305 8.55 4.13 -31.31
C ALA A 305 8.98 3.68 -29.90
N VAL A 306 8.01 3.34 -29.08
CA VAL A 306 8.30 2.63 -27.82
C VAL A 306 7.93 1.16 -28.01
N ARG A 307 8.61 0.30 -27.28
CA ARG A 307 8.39 -1.16 -27.45
C ARG A 307 7.14 -1.60 -26.69
N GLU A 308 6.29 -2.38 -27.36
N GLU A 308 6.29 -2.37 -27.36
CA GLU A 308 5.10 -2.98 -26.72
CA GLU A 308 5.10 -2.99 -26.73
C GLU A 308 5.57 -3.88 -25.60
C GLU A 308 5.57 -3.88 -25.60
N PRO A 309 4.92 -3.88 -24.41
CA PRO A 309 3.61 -3.27 -24.21
C PRO A 309 3.44 -1.79 -23.92
N LEU A 310 4.50 -1.01 -23.94
CA LEU A 310 4.32 0.44 -23.74
C LEU A 310 3.40 0.94 -24.85
N PRO A 311 2.39 1.75 -24.50
CA PRO A 311 1.43 2.21 -25.51
C PRO A 311 2.01 3.30 -26.41
N ALA A 312 1.71 3.16 -27.70
CA ALA A 312 2.10 4.14 -28.73
C ALA A 312 1.22 5.38 -28.67
N LEU A 313 1.74 6.50 -29.16
CA LEU A 313 0.94 7.71 -29.35
C LEU A 313 -0.26 7.39 -30.26
N VAL A 314 -1.37 8.05 -30.00
CA VAL A 314 -2.52 8.11 -30.95
C VAL A 314 -2.55 9.48 -31.64
N ASP A 315 -3.41 9.63 -32.65
N ASP A 315 -3.41 9.63 -32.65
CA ASP A 315 -3.48 10.90 -33.41
CA ASP A 315 -3.45 10.91 -33.41
C ASP A 315 -3.74 12.08 -32.46
C ASP A 315 -3.73 12.09 -32.46
N GLU A 316 -4.64 11.91 -31.50
CA GLU A 316 -5.08 12.96 -30.54
C GLU A 316 -3.89 13.41 -29.69
N ASP A 317 -2.85 12.59 -29.57
CA ASP A 317 -1.70 12.99 -28.75
C ASP A 317 -0.79 14.00 -29.45
N MET A 318 -0.89 14.17 -30.78
N MET A 318 -0.90 14.16 -30.77
CA MET A 318 0.12 15.04 -31.45
CA MET A 318 0.05 15.04 -31.50
C MET A 318 -0.06 16.49 -31.00
C MET A 318 -0.07 16.48 -31.01
N GLU A 319 -1.27 16.91 -30.60
CA GLU A 319 -1.47 18.28 -30.04
C GLU A 319 -0.69 18.44 -28.73
N ILE A 320 -0.69 17.39 -27.91
CA ILE A 320 0.04 17.40 -26.61
C ILE A 320 1.55 17.42 -26.88
N VAL A 321 2.01 16.59 -27.81
CA VAL A 321 3.44 16.54 -28.20
C VAL A 321 3.88 17.93 -28.65
N LYS A 322 3.12 18.57 -29.54
CA LYS A 322 3.54 19.88 -30.07
C LYS A 322 3.51 20.93 -28.98
N GLU A 323 2.52 20.89 -28.09
CA GLU A 323 2.45 21.86 -26.97
C GLU A 323 3.65 21.67 -26.05
N ALA A 324 3.97 20.45 -25.68
CA ALA A 324 5.13 20.20 -24.78
C ALA A 324 6.42 20.62 -25.46
N ALA A 325 6.58 20.33 -26.74
CA ALA A 325 7.79 20.73 -27.49
C ALA A 325 7.93 22.26 -27.47
N GLN A 326 6.84 22.99 -27.67
CA GLN A 326 6.87 24.46 -27.63
C GLN A 326 7.16 24.95 -26.21
N MET A 327 6.59 24.29 -25.18
CA MET A 327 6.88 24.70 -23.79
C MET A 327 8.38 24.60 -23.51
N ILE A 328 9.02 23.57 -24.03
CA ILE A 328 10.48 23.38 -23.82
C ILE A 328 11.21 24.54 -24.52
N CYS A 329 10.86 24.83 -25.77
CA CYS A 329 11.52 25.94 -26.52
C CYS A 329 11.35 27.26 -25.75
N ASP A 330 10.15 27.52 -25.25
CA ASP A 330 9.86 28.80 -24.57
C ASP A 330 10.61 28.88 -23.24
N ALA A 331 10.71 27.76 -22.50
CA ALA A 331 11.48 27.75 -21.24
C ALA A 331 12.95 28.04 -21.51
N LYS A 332 13.51 27.46 -22.55
CA LYS A 332 14.93 27.70 -22.88
C LYS A 332 15.14 29.19 -23.19
N LYS A 333 14.21 29.82 -23.92
CA LYS A 333 14.34 31.28 -24.16
C LYS A 333 14.20 32.10 -22.87
N LYS A 334 13.39 31.65 -21.92
CA LYS A 334 13.17 32.37 -20.67
C LYS A 334 14.39 32.26 -19.77
N PHE A 335 15.02 31.09 -19.70
CA PHE A 335 15.93 30.78 -18.58
C PHE A 335 17.39 30.70 -18.96
N LEU A 336 17.75 30.53 -20.23
CA LEU A 336 19.18 30.33 -20.61
C LEU A 336 19.86 31.66 -20.93
N MET B 32 -22.93 -23.29 -22.42
CA MET B 32 -22.81 -24.01 -23.72
C MET B 32 -21.34 -24.23 -24.08
N ARG B 33 -20.46 -23.24 -23.88
CA ARG B 33 -19.01 -23.46 -23.96
C ARG B 33 -18.65 -24.56 -22.94
N ASN B 34 -17.88 -25.57 -23.33
CA ASN B 34 -17.53 -26.70 -22.44
C ASN B 34 -16.19 -26.43 -21.74
N LEU B 35 -16.20 -26.20 -20.43
CA LEU B 35 -14.95 -25.91 -19.67
C LEU B 35 -14.67 -27.04 -18.67
N GLU B 36 -15.23 -28.23 -18.88
CA GLU B 36 -15.02 -29.33 -17.92
C GLU B 36 -13.54 -29.70 -17.79
N LYS B 37 -12.76 -29.58 -18.86
CA LYS B 37 -11.33 -29.99 -18.84
C LYS B 37 -10.54 -29.09 -17.89
N TYR B 38 -11.08 -27.98 -17.46
CA TYR B 38 -10.38 -27.02 -16.57
C TYR B 38 -10.82 -27.18 -15.12
N LYS B 39 -11.82 -28.02 -14.86
CA LYS B 39 -12.42 -28.11 -13.50
C LYS B 39 -11.71 -29.19 -12.73
N GLY B 40 -10.95 -28.77 -11.75
CA GLY B 40 -10.22 -29.70 -10.88
C GLY B 40 -8.90 -29.09 -10.47
N VAL B 41 -7.98 -29.94 -10.10
CA VAL B 41 -6.68 -29.55 -9.50
C VAL B 41 -5.64 -29.53 -10.61
N ILE B 42 -5.10 -28.34 -10.86
CA ILE B 42 -4.09 -28.08 -11.90
C ILE B 42 -2.86 -27.51 -11.22
N PRO B 43 -1.91 -28.36 -10.78
CA PRO B 43 -0.66 -27.85 -10.24
C PRO B 43 0.12 -26.97 -11.19
N ALA B 44 0.78 -25.95 -10.65
CA ALA B 44 1.85 -25.27 -11.38
C ALA B 44 3.00 -26.26 -11.54
N PHE B 45 3.51 -26.32 -12.75
CA PHE B 45 4.67 -27.14 -13.11
C PHE B 45 5.95 -26.43 -12.70
N TYR B 46 6.84 -27.10 -11.97
CA TYR B 46 8.10 -26.50 -11.51
C TYR B 46 9.15 -26.48 -12.62
N ALA B 47 10.09 -25.56 -12.51
CA ALA B 47 11.28 -25.52 -13.37
C ALA B 47 12.17 -26.73 -13.05
N CYS B 48 12.56 -27.48 -14.07
CA CYS B 48 13.38 -28.70 -13.91
C CYS B 48 14.72 -28.46 -14.58
N TYR B 49 15.78 -28.40 -13.79
CA TYR B 49 17.12 -28.08 -14.30
C TYR B 49 18.04 -29.29 -14.15
N ASP B 50 19.06 -29.27 -14.99
CA ASP B 50 20.18 -30.23 -14.89
C ASP B 50 21.22 -29.67 -13.92
N LYS B 51 22.37 -30.35 -13.79
CA LYS B 51 23.37 -29.95 -12.77
C LYS B 51 24.03 -28.64 -13.16
N GLU B 52 24.02 -28.26 -14.44
CA GLU B 52 24.63 -27.03 -14.97
C GLU B 52 23.62 -25.86 -14.89
N GLY B 53 22.39 -26.13 -14.46
CA GLY B 53 21.33 -25.12 -14.29
C GLY B 53 20.56 -24.83 -15.55
N ASN B 54 20.71 -25.63 -16.62
CA ASN B 54 19.91 -25.45 -17.82
C ASN B 54 18.65 -26.28 -17.68
N ILE B 55 17.65 -26.02 -18.50
CA ILE B 55 16.43 -26.85 -18.52
C ILE B 55 16.83 -28.29 -18.87
N SER B 56 16.33 -29.22 -18.08
CA SER B 56 16.55 -30.67 -18.27
C SER B 56 15.36 -31.28 -18.99
N PRO B 57 15.48 -31.68 -20.27
CA PRO B 57 14.37 -32.42 -20.90
C PRO B 57 13.96 -33.66 -20.11
N GLU B 58 14.93 -34.47 -19.63
CA GLU B 58 14.64 -35.69 -18.86
C GLU B 58 13.94 -35.33 -17.54
N GLY B 59 14.39 -34.25 -16.87
CA GLY B 59 13.76 -33.83 -15.61
C GLY B 59 12.35 -33.37 -15.84
N VAL B 60 12.11 -32.64 -16.90
CA VAL B 60 10.75 -32.16 -17.26
C VAL B 60 9.85 -33.38 -17.53
N GLN B 61 10.33 -34.34 -18.31
CA GLN B 61 9.51 -35.53 -18.63
C GLN B 61 9.22 -36.29 -17.33
N GLY B 62 10.19 -36.43 -16.43
CA GLY B 62 10.01 -37.13 -15.17
C GLY B 62 8.95 -36.48 -14.31
N LEU B 63 9.02 -35.17 -14.18
CA LEU B 63 7.98 -34.46 -13.37
C LEU B 63 6.61 -34.55 -14.05
N THR B 64 6.56 -34.55 -15.37
CA THR B 64 5.28 -34.71 -16.08
C THR B 64 4.70 -36.11 -15.79
N LYS B 65 5.54 -37.15 -15.85
CA LYS B 65 5.07 -38.52 -15.55
C LYS B 65 4.54 -38.61 -14.11
N TYR B 66 5.18 -37.89 -13.18
CA TYR B 66 4.74 -37.80 -11.78
C TYR B 66 3.31 -37.23 -11.74
N PHE B 67 3.07 -36.12 -12.44
CA PHE B 67 1.72 -35.50 -12.41
C PHE B 67 0.66 -36.44 -13.06
N VAL B 68 1.02 -37.14 -14.13
CA VAL B 68 0.09 -38.13 -14.75
C VAL B 68 -0.23 -39.21 -13.73
N LYS B 69 0.79 -39.77 -13.07
CA LYS B 69 0.62 -40.86 -12.08
C LYS B 69 -0.23 -40.40 -10.90
N LYS B 70 -0.11 -39.14 -10.48
CA LYS B 70 -0.90 -38.64 -9.34
C LYS B 70 -2.33 -38.32 -9.73
N GLY B 71 -2.69 -38.33 -10.99
CA GLY B 71 -4.08 -38.20 -11.43
C GLY B 71 -4.65 -36.80 -11.24
N VAL B 72 -3.80 -35.77 -11.35
CA VAL B 72 -4.31 -34.38 -11.37
C VAL B 72 -5.02 -34.11 -12.71
N LYS B 73 -5.76 -33.02 -12.77
CA LYS B 73 -6.58 -32.68 -13.95
C LYS B 73 -5.68 -32.18 -15.07
N GLY B 74 -4.67 -31.40 -14.70
CA GLY B 74 -3.85 -30.73 -15.69
C GLY B 74 -2.60 -30.17 -15.05
N VAL B 75 -1.82 -29.49 -15.86
CA VAL B 75 -0.66 -28.75 -15.38
C VAL B 75 -0.66 -27.34 -15.98
N TYR B 76 -0.16 -26.41 -15.16
CA TYR B 76 -0.01 -24.98 -15.51
C TYR B 76 1.48 -24.74 -15.69
N VAL B 77 1.91 -24.57 -16.94
CA VAL B 77 3.33 -24.69 -17.32
C VAL B 77 3.93 -23.28 -17.53
N ASN B 78 5.13 -23.08 -17.00
CA ASN B 78 5.93 -21.84 -17.19
C ASN B 78 5.16 -20.65 -16.58
N GLY B 79 4.48 -20.88 -15.47
CA GLY B 79 4.02 -19.79 -14.58
C GLY B 79 5.18 -19.24 -13.76
N SER B 80 4.90 -18.27 -12.90
CA SER B 80 5.95 -17.78 -11.99
C SER B 80 6.42 -18.88 -11.05
N SER B 81 5.55 -19.81 -10.62
CA SER B 81 5.95 -20.98 -9.82
C SER B 81 6.89 -21.89 -10.61
N GLY B 82 6.84 -21.81 -11.95
CA GLY B 82 7.79 -22.48 -12.85
C GLY B 82 8.98 -21.61 -13.21
N GLU B 83 9.19 -20.55 -12.45
CA GLU B 83 10.35 -19.64 -12.58
C GLU B 83 10.37 -18.94 -13.93
N CYS B 84 9.20 -18.68 -14.53
CA CYS B 84 9.16 -18.07 -15.88
C CYS B 84 9.86 -16.72 -15.91
N ILE B 85 9.75 -15.94 -14.84
CA ILE B 85 10.42 -14.60 -14.76
C ILE B 85 11.89 -14.79 -15.14
N TYR B 86 12.49 -15.90 -14.76
CA TYR B 86 13.95 -16.14 -14.82
C TYR B 86 14.37 -16.96 -16.03
N GLN B 87 13.44 -17.26 -16.93
N GLN B 87 13.44 -17.27 -16.92
CA GLN B 87 13.71 -18.12 -18.10
CA GLN B 87 13.72 -18.14 -18.09
C GLN B 87 13.71 -17.32 -19.39
C GLN B 87 13.71 -17.32 -19.37
N SER B 88 14.43 -17.82 -20.36
CA SER B 88 14.41 -17.32 -21.75
C SER B 88 13.22 -17.93 -22.48
N VAL B 89 12.92 -17.34 -23.65
CA VAL B 89 11.95 -17.92 -24.57
C VAL B 89 12.36 -19.35 -24.89
N GLU B 90 13.63 -19.58 -25.19
CA GLU B 90 14.10 -20.92 -25.61
C GLU B 90 13.91 -21.90 -24.43
N ASP B 91 14.26 -21.49 -23.20
CA ASP B 91 14.05 -22.32 -22.01
C ASP B 91 12.58 -22.75 -21.96
N ARG B 92 11.66 -21.77 -22.10
CA ARG B 92 10.21 -22.05 -21.92
C ARG B 92 9.70 -22.95 -23.06
N LYS B 93 10.21 -22.79 -24.26
CA LYS B 93 9.84 -23.71 -25.36
C LYS B 93 10.29 -25.12 -25.03
N ILE B 94 11.52 -25.30 -24.53
CA ILE B 94 12.03 -26.66 -24.19
C ILE B 94 11.18 -27.26 -23.09
N VAL B 95 10.80 -26.48 -22.06
CA VAL B 95 9.96 -27.03 -20.98
C VAL B 95 8.66 -27.52 -21.63
N LEU B 96 7.96 -26.69 -22.39
CA LEU B 96 6.62 -27.06 -22.87
C LEU B 96 6.70 -28.24 -23.85
N GLU B 97 7.72 -28.27 -24.71
CA GLU B 97 7.87 -29.41 -25.63
C GLU B 97 7.95 -30.71 -24.84
N ASN B 98 8.72 -30.72 -23.77
CA ASN B 98 8.98 -31.94 -22.98
C ASN B 98 7.75 -32.28 -22.13
N VAL B 99 7.01 -31.28 -21.63
CA VAL B 99 5.72 -31.59 -20.97
C VAL B 99 4.80 -32.30 -21.97
N MET B 100 4.65 -31.73 -23.16
CA MET B 100 3.62 -32.21 -24.10
C MET B 100 4.00 -33.60 -24.60
N LYS B 101 5.31 -33.94 -24.64
CA LYS B 101 5.73 -35.31 -25.07
C LYS B 101 5.09 -36.36 -24.16
N VAL B 102 4.97 -36.10 -22.87
CA VAL B 102 4.35 -37.02 -21.90
C VAL B 102 2.86 -36.74 -21.69
N ALA B 103 2.47 -35.48 -21.58
CA ALA B 103 1.15 -35.10 -21.04
C ALA B 103 0.06 -35.11 -22.12
N GLU B 104 0.43 -35.00 -23.39
N GLU B 104 0.45 -35.01 -23.39
CA GLU B 104 -0.59 -34.59 -24.41
CA GLU B 104 -0.46 -34.87 -24.56
C GLU B 104 -1.64 -35.71 -24.47
C GLU B 104 -1.65 -35.82 -24.43
N GLY B 105 -2.90 -35.31 -24.37
CA GLY B 105 -4.05 -36.23 -24.34
C GLY B 105 -4.34 -36.80 -22.98
N LYS B 106 -3.49 -36.59 -21.98
CA LYS B 106 -3.68 -37.19 -20.63
C LYS B 106 -3.96 -36.14 -19.57
N LEU B 107 -3.36 -34.96 -19.72
CA LEU B 107 -3.53 -33.80 -18.80
C LEU B 107 -4.05 -32.64 -19.63
N THR B 108 -4.91 -31.82 -19.00
CA THR B 108 -5.14 -30.48 -19.54
C THR B 108 -3.84 -29.69 -19.42
N VAL B 109 -3.44 -28.99 -20.46
CA VAL B 109 -2.20 -28.17 -20.40
C VAL B 109 -2.56 -26.73 -20.62
N ILE B 110 -2.22 -25.92 -19.61
CA ILE B 110 -2.31 -24.44 -19.73
C ILE B 110 -0.88 -23.93 -19.75
N ALA B 111 -0.50 -23.24 -20.83
CA ALA B 111 0.86 -22.70 -20.97
C ALA B 111 0.82 -21.18 -20.69
N HIS B 112 1.45 -20.79 -19.60
CA HIS B 112 1.65 -19.35 -19.30
C HIS B 112 2.74 -18.85 -20.26
N VAL B 113 2.42 -17.84 -21.07
CA VAL B 113 3.30 -17.37 -22.17
C VAL B 113 3.73 -15.92 -21.98
N ALA B 114 3.29 -15.24 -20.94
CA ALA B 114 3.66 -13.81 -20.77
C ALA B 114 5.15 -13.69 -20.49
N CYS B 115 5.75 -12.72 -21.15
CA CYS B 115 7.14 -12.29 -21.01
C CYS B 115 7.14 -10.80 -20.72
N ASN B 116 8.33 -10.25 -20.44
CA ASN B 116 8.40 -8.81 -20.14
C ASN B 116 7.84 -8.02 -21.36
N ASN B 117 8.23 -8.37 -22.57
CA ASN B 117 7.78 -7.67 -23.78
C ASN B 117 6.70 -8.43 -24.51
N THR B 118 6.02 -7.74 -25.42
CA THR B 118 4.89 -8.36 -26.15
C THR B 118 5.42 -9.37 -27.18
N LYS B 119 6.50 -9.05 -27.88
CA LYS B 119 6.93 -9.92 -29.00
C LYS B 119 7.38 -11.30 -28.49
N ASP B 120 8.06 -11.38 -27.36
CA ASP B 120 8.47 -12.66 -26.78
C ASP B 120 7.21 -13.43 -26.36
N SER B 121 6.23 -12.72 -25.80
CA SER B 121 4.95 -13.35 -25.39
C SER B 121 4.21 -13.94 -26.63
N GLN B 122 4.19 -13.19 -27.74
CA GLN B 122 3.55 -13.66 -28.99
C GLN B 122 4.29 -14.87 -29.52
N GLU B 123 5.63 -14.88 -29.46
CA GLU B 123 6.42 -16.04 -29.94
C GLU B 123 6.04 -17.29 -29.11
N LEU B 124 5.96 -17.16 -27.79
CA LEU B 124 5.58 -18.31 -26.97
C LEU B 124 4.12 -18.72 -27.22
N ALA B 125 3.21 -17.77 -27.43
CA ALA B 125 1.81 -18.11 -27.73
C ALA B 125 1.71 -18.94 -29.02
N ARG B 126 2.38 -18.50 -30.06
CA ARG B 126 2.35 -19.20 -31.37
C ARG B 126 2.92 -20.59 -31.19
N HIS B 127 4.02 -20.72 -30.47
CA HIS B 127 4.68 -22.01 -30.22
C HIS B 127 3.72 -22.93 -29.46
N ALA B 128 3.05 -22.42 -28.44
CA ALA B 128 2.14 -23.23 -27.61
C ALA B 128 0.94 -23.70 -28.45
N GLU B 129 0.38 -22.85 -29.31
CA GLU B 129 -0.73 -23.27 -30.17
C GLU B 129 -0.24 -24.35 -31.15
N GLY B 130 0.99 -24.21 -31.60
CA GLY B 130 1.60 -25.21 -32.52
C GLY B 130 1.69 -26.58 -31.85
N LEU B 131 1.80 -26.66 -30.52
CA LEU B 131 1.89 -27.93 -29.78
C LEU B 131 0.52 -28.43 -29.33
N GLY B 132 -0.55 -27.66 -29.54
CA GLY B 132 -1.90 -28.09 -29.21
C GLY B 132 -2.19 -28.04 -27.73
N VAL B 133 -1.66 -27.04 -27.01
CA VAL B 133 -2.12 -26.83 -25.62
C VAL B 133 -3.60 -26.55 -25.57
N ASP B 134 -4.23 -26.77 -24.43
CA ASP B 134 -5.65 -26.45 -24.20
C ASP B 134 -5.83 -24.95 -24.09
N ALA B 135 -4.95 -24.27 -23.37
CA ALA B 135 -5.09 -22.82 -23.14
C ALA B 135 -3.70 -22.22 -22.99
N ILE B 136 -3.64 -20.93 -23.25
CA ILE B 136 -2.50 -20.09 -22.89
C ILE B 136 -2.97 -19.14 -21.81
N ALA B 137 -2.00 -18.65 -21.02
CA ALA B 137 -2.31 -17.73 -19.92
C ALA B 137 -1.31 -16.58 -19.94
N ALA B 138 -1.69 -15.46 -19.30
CA ALA B 138 -0.78 -14.32 -19.17
C ALA B 138 -1.08 -13.54 -17.91
N ILE B 139 -0.04 -13.29 -17.14
CA ILE B 139 -0.01 -12.19 -16.15
C ILE B 139 -0.08 -10.88 -16.92
N PRO B 140 -0.36 -9.76 -16.21
CA PRO B 140 -0.31 -8.46 -16.85
C PRO B 140 1.14 -8.07 -17.12
N PRO B 141 1.35 -6.96 -17.87
CA PRO B 141 2.64 -6.27 -17.89
C PRO B 141 3.11 -5.98 -16.44
N ILE B 142 4.41 -6.10 -16.23
CA ILE B 142 4.99 -5.91 -14.88
C ILE B 142 5.93 -4.68 -14.82
N TYR B 143 6.40 -4.38 -13.60
CA TYR B 143 7.38 -3.32 -13.30
C TYR B 143 6.75 -1.95 -13.48
N PHE B 144 6.62 -1.44 -14.69
CA PHE B 144 5.82 -0.22 -14.96
C PHE B 144 4.34 -0.56 -14.75
N HIS B 145 3.59 0.39 -14.26
CA HIS B 145 2.13 0.26 -14.08
C HIS B 145 1.44 0.85 -15.31
N LEU B 146 1.00 -0.01 -16.20
CA LEU B 146 0.49 0.45 -17.50
C LEU B 146 -1.01 0.65 -17.37
N PRO B 147 -1.54 1.57 -18.21
CA PRO B 147 -2.96 1.85 -18.23
C PRO B 147 -3.74 0.66 -18.78
N GLU B 148 -5.03 0.62 -18.44
CA GLU B 148 -5.85 -0.56 -18.80
C GLU B 148 -5.85 -0.80 -20.31
N TYR B 149 -5.88 0.24 -21.13
CA TYR B 149 -5.89 0.04 -22.59
C TYR B 149 -4.59 -0.65 -23.04
N ALA B 150 -3.46 -0.39 -22.37
CA ALA B 150 -2.20 -1.03 -22.74
C ALA B 150 -2.18 -2.48 -22.26
N ILE B 151 -2.75 -2.74 -21.10
CA ILE B 151 -2.85 -4.15 -20.59
C ILE B 151 -3.71 -4.97 -21.55
N ALA B 152 -4.87 -4.45 -21.95
CA ALA B 152 -5.78 -5.15 -22.88
C ALA B 152 -5.04 -5.39 -24.21
N GLN B 153 -4.29 -4.40 -24.67
CA GLN B 153 -3.57 -4.53 -25.96
C GLN B 153 -2.57 -5.68 -25.85
N TYR B 154 -1.85 -5.76 -24.74
CA TYR B 154 -0.85 -6.81 -24.51
C TYR B 154 -1.55 -8.17 -24.55
N TRP B 155 -2.58 -8.37 -23.75
CA TRP B 155 -3.31 -9.67 -23.76
C TRP B 155 -3.90 -9.99 -25.12
N ASN B 156 -4.53 -9.01 -25.77
CA ASN B 156 -5.13 -9.26 -27.09
C ASN B 156 -4.06 -9.60 -28.13
N ALA B 157 -2.89 -8.99 -28.05
CA ALA B 157 -1.78 -9.28 -29.01
C ALA B 157 -1.30 -10.70 -28.78
N ILE B 158 -1.18 -11.10 -27.51
CA ILE B 158 -0.77 -12.48 -27.17
C ILE B 158 -1.82 -13.46 -27.70
N SER B 159 -3.08 -13.17 -27.46
CA SER B 159 -4.21 -14.03 -27.91
C SER B 159 -4.22 -14.13 -29.43
N ALA B 160 -3.97 -13.03 -30.14
CA ALA B 160 -4.03 -13.03 -31.62
C ALA B 160 -2.90 -13.90 -32.19
N ALA B 161 -1.80 -14.13 -31.46
CA ALA B 161 -0.71 -15.02 -31.90
C ALA B 161 -1.11 -16.49 -31.74
N ALA B 162 -2.13 -16.79 -30.94
CA ALA B 162 -2.67 -18.15 -30.74
C ALA B 162 -4.17 -18.06 -30.91
N PRO B 163 -4.63 -17.70 -32.14
CA PRO B 163 -6.00 -17.27 -32.33
C PRO B 163 -7.06 -18.37 -32.22
N ASN B 164 -6.63 -19.64 -32.13
CA ASN B 164 -7.54 -20.80 -32.00
C ASN B 164 -7.46 -21.35 -30.58
N THR B 165 -6.84 -20.64 -29.64
CA THR B 165 -6.50 -21.21 -28.31
C THR B 165 -7.23 -20.45 -27.20
N ASP B 166 -7.84 -21.20 -26.27
CA ASP B 166 -8.41 -20.62 -25.04
C ASP B 166 -7.38 -19.74 -24.33
N PHE B 167 -7.85 -18.67 -23.69
CA PHE B 167 -6.95 -17.68 -23.06
C PHE B 167 -7.43 -17.46 -21.63
N VAL B 168 -6.47 -17.55 -20.71
CA VAL B 168 -6.71 -17.33 -19.25
C VAL B 168 -5.94 -16.09 -18.80
N ILE B 169 -6.62 -15.12 -18.23
CA ILE B 169 -5.98 -13.94 -17.58
C ILE B 169 -5.48 -14.38 -16.21
N TYR B 170 -4.24 -14.10 -15.87
CA TYR B 170 -3.71 -14.39 -14.52
C TYR B 170 -3.65 -13.07 -13.73
N ASN B 171 -4.52 -12.95 -12.73
CA ASN B 171 -4.64 -11.73 -11.89
C ASN B 171 -3.77 -11.92 -10.65
N ILE B 172 -2.75 -11.06 -10.49
CA ILE B 172 -1.78 -11.18 -9.37
C ILE B 172 -1.28 -9.78 -9.02
N PRO B 173 -2.19 -8.92 -8.53
CA PRO B 173 -1.85 -7.49 -8.37
C PRO B 173 -0.70 -7.26 -7.38
N GLN B 174 -0.56 -8.14 -6.40
CA GLN B 174 0.47 -8.01 -5.34
C GLN B 174 1.87 -8.03 -5.97
N LEU B 175 2.06 -8.79 -7.04
CA LEU B 175 3.38 -8.93 -7.70
C LEU B 175 3.44 -8.10 -8.99
N ALA B 176 2.39 -8.13 -9.81
CA ALA B 176 2.43 -7.38 -11.10
C ALA B 176 2.33 -5.89 -10.89
N GLY B 177 1.66 -5.42 -9.84
CA GLY B 177 1.50 -4.01 -9.51
C GLY B 177 0.28 -3.38 -10.12
N VAL B 178 -0.45 -4.13 -10.97
CA VAL B 178 -1.72 -3.71 -11.58
C VAL B 178 -2.71 -4.87 -11.40
N ALA B 179 -3.99 -4.53 -11.37
CA ALA B 179 -5.09 -5.48 -11.16
C ALA B 179 -5.95 -5.61 -12.40
N LEU B 180 -6.55 -6.79 -12.53
CA LEU B 180 -7.70 -6.97 -13.42
C LEU B 180 -8.90 -6.32 -12.73
N THR B 181 -9.25 -5.14 -13.20
CA THR B 181 -10.45 -4.43 -12.71
C THR B 181 -11.70 -4.98 -13.36
N GLN B 182 -12.86 -4.66 -12.81
CA GLN B 182 -14.12 -5.12 -13.44
C GLN B 182 -14.23 -4.50 -14.84
N ASN B 183 -13.82 -3.25 -15.05
CA ASN B 183 -13.90 -2.62 -16.39
C ASN B 183 -12.96 -3.32 -17.38
N LEU B 184 -11.74 -3.64 -16.94
CA LEU B 184 -10.77 -4.32 -17.84
C LEU B 184 -11.31 -5.70 -18.18
N PHE B 185 -11.95 -6.38 -17.23
CA PHE B 185 -12.50 -7.72 -17.50
C PHE B 185 -13.64 -7.61 -18.53
N VAL B 186 -14.50 -6.61 -18.39
CA VAL B 186 -15.56 -6.38 -19.43
C VAL B 186 -14.89 -6.26 -20.81
N GLU B 187 -13.84 -5.43 -20.92
CA GLU B 187 -13.17 -5.25 -22.22
C GLU B 187 -12.62 -6.60 -22.71
N MET B 188 -11.99 -7.38 -21.83
CA MET B 188 -11.34 -8.62 -22.28
C MET B 188 -12.40 -9.66 -22.68
N ARG B 189 -13.62 -9.61 -22.13
CA ARG B 189 -14.67 -10.60 -22.49
C ARG B 189 -15.18 -10.36 -23.90
N LYS B 190 -14.79 -9.28 -24.52
CA LYS B 190 -15.08 -9.03 -25.96
C LYS B 190 -14.24 -9.97 -26.83
N ASN B 191 -13.13 -10.48 -26.31
CA ASN B 191 -12.29 -11.46 -27.02
C ASN B 191 -12.89 -12.84 -26.77
N PRO B 192 -13.41 -13.54 -27.80
CA PRO B 192 -14.16 -14.77 -27.55
C PRO B 192 -13.26 -15.91 -27.06
N ASN B 193 -11.93 -15.77 -27.21
CA ASN B 193 -11.00 -16.82 -26.75
C ASN B 193 -10.84 -16.77 -25.22
N VAL B 194 -11.16 -15.65 -24.59
CA VAL B 194 -10.97 -15.54 -23.12
C VAL B 194 -11.98 -16.45 -22.43
N ILE B 195 -11.48 -17.38 -21.60
CA ILE B 195 -12.34 -18.38 -20.92
C ILE B 195 -12.45 -18.04 -19.44
N GLY B 196 -11.67 -17.09 -18.94
CA GLY B 196 -11.75 -16.81 -17.50
C GLY B 196 -10.47 -16.26 -16.92
N VAL B 197 -10.31 -16.47 -15.62
CA VAL B 197 -9.33 -15.73 -14.79
C VAL B 197 -8.75 -16.72 -13.80
N ALA B 198 -7.43 -16.80 -13.72
CA ALA B 198 -6.75 -17.43 -12.58
C ALA B 198 -6.48 -16.32 -11.57
N ASN B 199 -7.19 -16.38 -10.44
CA ASN B 199 -7.18 -15.25 -9.49
C ASN B 199 -6.25 -15.53 -8.32
N SER B 200 -5.20 -14.74 -8.20
CA SER B 200 -4.23 -14.87 -7.07
C SER B 200 -4.24 -13.63 -6.17
N SER B 201 -5.15 -12.70 -6.37
CA SER B 201 -5.39 -11.66 -5.36
C SER B 201 -5.91 -12.36 -4.11
N MET B 202 -5.75 -11.72 -2.96
CA MET B 202 -6.16 -12.38 -1.71
C MET B 202 -7.66 -12.34 -1.43
N PRO B 203 -8.46 -11.32 -1.81
CA PRO B 203 -9.87 -11.35 -1.48
C PRO B 203 -10.61 -12.44 -2.26
N VAL B 204 -11.30 -13.36 -1.57
CA VAL B 204 -12.20 -14.30 -2.30
C VAL B 204 -13.35 -13.50 -2.90
N GLN B 205 -13.64 -12.31 -2.40
CA GLN B 205 -14.60 -11.41 -3.04
C GLN B 205 -14.26 -11.21 -4.52
N ASP B 206 -12.97 -11.14 -4.88
CA ASP B 206 -12.59 -10.91 -6.29
C ASP B 206 -13.07 -12.10 -7.13
N ILE B 207 -12.93 -13.31 -6.63
CA ILE B 207 -13.45 -14.54 -7.32
C ILE B 207 -14.94 -14.38 -7.53
N GLN B 208 -15.67 -14.04 -6.47
CA GLN B 208 -17.13 -13.90 -6.52
C GLN B 208 -17.53 -12.86 -7.55
N MET B 209 -16.86 -11.71 -7.56
CA MET B 209 -17.24 -10.60 -8.46
C MET B 209 -16.92 -11.00 -9.90
N PHE B 210 -15.77 -11.60 -10.16
CA PHE B 210 -15.42 -11.99 -11.54
C PHE B 210 -16.44 -13.02 -12.03
N LYS B 211 -16.79 -13.99 -11.19
CA LYS B 211 -17.70 -15.08 -11.62
C LYS B 211 -19.12 -14.52 -11.83
N GLN B 212 -19.57 -13.65 -10.94
CA GLN B 212 -20.91 -13.02 -11.05
C GLN B 212 -20.98 -12.20 -12.32
N ALA B 213 -19.94 -11.42 -12.62
CA ALA B 213 -19.92 -10.55 -13.82
C ALA B 213 -19.92 -11.42 -15.06
N ALA B 214 -19.10 -12.49 -15.09
CA ALA B 214 -18.84 -13.24 -16.33
C ALA B 214 -19.94 -14.26 -16.64
N GLY B 215 -20.45 -14.93 -15.63
CA GLY B 215 -21.51 -15.92 -15.76
C GLY B 215 -21.01 -17.29 -16.13
N ALA B 216 -21.91 -18.11 -16.69
CA ALA B 216 -21.71 -19.56 -16.77
C ALA B 216 -20.66 -19.94 -17.82
N GLU B 217 -20.37 -19.10 -18.81
CA GLU B 217 -19.47 -19.51 -19.91
C GLU B 217 -18.00 -19.22 -19.58
N TYR B 218 -17.69 -18.92 -18.31
CA TYR B 218 -16.32 -18.56 -17.89
C TYR B 218 -16.00 -19.38 -16.65
N ILE B 219 -14.70 -19.59 -16.45
CA ILE B 219 -14.21 -20.28 -15.24
C ILE B 219 -13.25 -19.36 -14.51
N ILE B 220 -13.34 -19.37 -13.20
CA ILE B 220 -12.36 -18.72 -12.30
C ILE B 220 -11.56 -19.80 -11.61
N PHE B 221 -10.26 -19.69 -11.65
CA PHE B 221 -9.35 -20.60 -10.93
C PHE B 221 -8.92 -19.97 -9.62
N ASN B 222 -8.97 -20.74 -8.53
CA ASN B 222 -8.43 -20.25 -7.27
C ASN B 222 -6.90 -20.31 -7.31
N GLY B 223 -6.24 -19.18 -7.09
CA GLY B 223 -4.78 -19.06 -7.05
C GLY B 223 -4.14 -19.19 -5.66
N PRO B 224 -4.67 -18.61 -4.57
CA PRO B 224 -4.01 -18.70 -3.25
C PRO B 224 -4.29 -20.05 -2.61
N ASP B 225 -3.27 -20.91 -2.58
CA ASP B 225 -3.46 -22.31 -2.13
C ASP B 225 -3.99 -22.35 -0.71
N GLU B 226 -3.56 -21.42 0.15
CA GLU B 226 -3.97 -21.34 1.57
C GLU B 226 -5.48 -21.06 1.71
N GLN B 227 -6.13 -20.65 0.64
CA GLN B 227 -7.56 -20.29 0.64
C GLN B 227 -8.36 -21.21 -0.32
N PHE B 228 -7.76 -22.34 -0.76
CA PHE B 228 -8.34 -23.25 -1.77
C PHE B 228 -9.82 -23.48 -1.49
N MET B 229 -10.17 -23.97 -0.30
CA MET B 229 -11.57 -24.37 -0.06
C MET B 229 -12.50 -23.16 -0.11
N SER B 230 -12.02 -21.99 0.32
CA SER B 230 -12.85 -20.76 0.39
C SER B 230 -13.07 -20.20 -1.01
N GLY B 231 -12.05 -20.19 -1.88
CA GLY B 231 -12.26 -19.72 -3.26
C GLY B 231 -13.15 -20.69 -4.00
N ARG B 232 -12.96 -21.99 -3.81
CA ARG B 232 -13.80 -23.00 -4.49
C ARG B 232 -15.27 -22.80 -4.13
N VAL B 233 -15.60 -22.67 -2.86
CA VAL B 233 -17.05 -22.64 -2.50
C VAL B 233 -17.70 -21.35 -3.01
N ILE B 234 -16.94 -20.26 -3.18
CA ILE B 234 -17.58 -18.98 -3.57
C ILE B 234 -17.64 -18.86 -5.09
N GLY B 235 -17.15 -19.86 -5.83
CA GLY B 235 -17.47 -19.94 -7.28
C GLY B 235 -16.27 -20.21 -8.19
N ALA B 236 -15.06 -20.38 -7.66
CA ALA B 236 -13.95 -20.86 -8.50
C ALA B 236 -14.16 -22.37 -8.78
N GLU B 237 -14.30 -22.78 -10.02
CA GLU B 237 -14.49 -24.20 -10.36
C GLU B 237 -13.14 -24.84 -10.73
N GLY B 238 -12.09 -24.05 -10.87
CA GLY B 238 -10.74 -24.58 -11.07
C GLY B 238 -9.81 -24.09 -9.98
N ALA B 239 -8.63 -24.63 -9.99
CA ALA B 239 -7.62 -24.35 -8.94
C ALA B 239 -6.24 -24.58 -9.52
N ILE B 240 -5.41 -23.52 -9.50
CA ILE B 240 -4.00 -23.57 -9.98
C ILE B 240 -3.13 -23.13 -8.81
N GLY B 241 -2.14 -23.93 -8.44
CA GLY B 241 -1.39 -23.69 -7.21
C GLY B 241 0.06 -24.09 -7.31
N GLY B 242 0.92 -23.28 -6.73
CA GLY B 242 2.36 -23.51 -6.70
C GLY B 242 2.75 -24.56 -5.68
N THR B 243 1.92 -24.88 -4.67
CA THR B 243 2.33 -25.88 -3.66
C THR B 243 1.70 -27.24 -3.98
N TYR B 244 0.83 -27.35 -4.97
CA TYR B 244 0.09 -28.61 -5.21
C TYR B 244 1.07 -29.75 -5.52
N GLY B 245 2.15 -29.44 -6.26
CA GLY B 245 3.11 -30.46 -6.67
C GLY B 245 3.81 -31.11 -5.48
N ALA B 246 3.85 -30.46 -4.34
CA ALA B 246 4.47 -31.05 -3.12
C ALA B 246 3.61 -32.14 -2.54
N MET B 247 2.30 -32.10 -2.78
CA MET B 247 1.33 -32.96 -2.03
C MET B 247 0.03 -33.05 -2.84
N PRO B 248 0.07 -33.52 -4.10
CA PRO B 248 -1.10 -33.41 -4.98
C PRO B 248 -2.29 -34.24 -4.48
N GLU B 249 -2.02 -35.36 -3.82
CA GLU B 249 -3.10 -36.21 -3.28
C GLU B 249 -3.90 -35.41 -2.27
N LEU B 250 -3.27 -34.55 -1.47
CA LEU B 250 -4.02 -33.79 -0.43
C LEU B 250 -4.97 -32.81 -1.10
N TYR B 251 -4.53 -32.10 -2.14
CA TYR B 251 -5.45 -31.16 -2.83
C TYR B 251 -6.54 -31.95 -3.57
N LEU B 252 -6.23 -33.10 -4.16
CA LEU B 252 -7.28 -33.92 -4.80
C LEU B 252 -8.30 -34.36 -3.76
N LYS B 253 -7.86 -34.74 -2.55
CA LYS B 253 -8.78 -35.21 -1.51
C LYS B 253 -9.59 -34.02 -0.99
N LEU B 254 -8.95 -32.86 -0.85
CA LEU B 254 -9.65 -31.62 -0.47
C LEU B 254 -10.78 -31.35 -1.47
N ASP B 255 -10.47 -31.40 -2.75
CA ASP B 255 -11.44 -31.10 -3.81
C ASP B 255 -12.59 -32.12 -3.76
N GLU B 256 -12.26 -33.39 -3.55
CA GLU B 256 -13.29 -34.45 -3.42
C GLU B 256 -14.21 -34.12 -2.24
N CYS B 257 -13.67 -33.73 -1.09
CA CYS B 257 -14.49 -33.36 0.08
C CYS B 257 -15.38 -32.17 -0.24
N ILE B 258 -14.83 -31.14 -0.89
CA ILE B 258 -15.65 -29.95 -1.24
C ILE B 258 -16.83 -30.38 -2.14
N ASN B 259 -16.54 -31.17 -3.17
CA ASN B 259 -17.60 -31.55 -4.16
C ASN B 259 -18.64 -32.41 -3.43
N ALA B 260 -18.29 -33.10 -2.35
CA ALA B 260 -19.20 -33.99 -1.59
C ALA B 260 -19.92 -33.21 -0.47
N GLY B 261 -19.65 -31.93 -0.29
CA GLY B 261 -20.22 -31.12 0.80
C GLY B 261 -19.71 -31.55 2.17
N LYS B 262 -18.57 -32.21 2.23
CA LYS B 262 -17.93 -32.66 3.50
C LYS B 262 -17.00 -31.54 3.99
N MET B 263 -17.57 -30.45 4.49
N MET B 263 -17.57 -30.47 4.50
CA MET B 263 -16.82 -29.20 4.79
CA MET B 263 -16.80 -29.24 4.76
C MET B 263 -15.93 -29.40 6.02
C MET B 263 -15.94 -29.40 6.03
N THR B 264 -16.31 -30.25 6.98
CA THR B 264 -15.48 -30.51 8.18
C THR B 264 -14.19 -31.21 7.73
N GLU B 265 -14.32 -32.25 6.93
CA GLU B 265 -13.13 -32.98 6.47
C GLU B 265 -12.30 -32.06 5.58
N ALA B 266 -12.95 -31.27 4.72
CA ALA B 266 -12.24 -30.32 3.84
C ALA B 266 -11.42 -29.36 4.71
N ARG B 267 -12.00 -28.81 5.78
N ARG B 267 -12.00 -28.83 5.78
CA ARG B 267 -11.28 -27.87 6.67
CA ARG B 267 -11.29 -27.86 6.62
C ARG B 267 -10.06 -28.54 7.27
C ARG B 267 -10.07 -28.53 7.28
N LYS B 268 -10.21 -29.79 7.72
CA LYS B 268 -9.06 -30.49 8.33
C LYS B 268 -7.93 -30.57 7.30
N ILE B 269 -8.25 -30.94 6.06
CA ILE B 269 -7.20 -31.09 5.03
C ILE B 269 -6.60 -29.71 4.72
N GLN B 270 -7.44 -28.68 4.56
CA GLN B 270 -6.92 -27.31 4.30
C GLN B 270 -5.94 -26.90 5.40
N TYR B 271 -6.28 -27.16 6.66
CA TYR B 271 -5.42 -26.74 7.76
C TYR B 271 -4.08 -27.50 7.69
N ALA B 272 -4.14 -28.76 7.35
CA ALA B 272 -2.92 -29.60 7.26
C ALA B 272 -2.03 -29.06 6.12
N CYS B 273 -2.64 -28.78 4.96
CA CYS B 273 -1.90 -28.24 3.82
C CYS B 273 -1.26 -26.89 4.22
N ASN B 274 -2.02 -26.04 4.90
CA ASN B 274 -1.52 -24.68 5.23
C ASN B 274 -0.34 -24.80 6.21
N GLU B 275 -0.43 -25.70 7.21
CA GLU B 275 0.69 -25.91 8.15
C GLU B 275 1.95 -26.30 7.36
N ILE B 276 1.79 -27.18 6.37
CA ILE B 276 2.95 -27.60 5.55
C ILE B 276 3.49 -26.40 4.78
N ILE B 277 2.61 -25.59 4.17
CA ILE B 277 3.05 -24.39 3.43
C ILE B 277 3.86 -23.49 4.37
N TYR B 278 3.35 -23.23 5.56
CA TYR B 278 4.03 -22.31 6.50
C TYR B 278 5.40 -22.89 6.85
N LYS B 279 5.48 -24.20 7.06
CA LYS B 279 6.77 -24.87 7.33
C LYS B 279 7.73 -24.68 6.13
N MET B 280 7.26 -24.90 4.91
CA MET B 280 8.13 -24.77 3.72
C MET B 280 8.59 -23.31 3.59
N CYS B 281 7.78 -22.35 3.99
CA CYS B 281 8.12 -20.92 3.82
C CYS B 281 9.02 -20.45 4.96
N SER B 282 9.29 -21.28 5.97
CA SER B 282 10.11 -20.90 7.14
C SER B 282 11.62 -21.04 6.85
N ALA B 283 12.00 -21.63 5.72
CA ALA B 283 13.40 -21.85 5.36
C ALA B 283 14.07 -20.54 4.93
N HIS B 284 15.39 -20.53 5.00
CA HIS B 284 16.24 -19.46 4.42
C HIS B 284 16.10 -19.51 2.88
N GLY B 285 16.31 -20.69 2.28
CA GLY B 285 16.09 -20.87 0.84
C GLY B 285 14.64 -20.68 0.46
N ASN B 286 14.45 -20.40 -0.83
CA ASN B 286 13.13 -20.14 -1.43
C ASN B 286 12.18 -21.34 -1.24
N MET B 287 10.89 -21.07 -1.12
CA MET B 287 9.89 -22.15 -0.96
C MET B 287 10.00 -23.18 -2.10
N TYR B 288 10.22 -22.77 -3.36
CA TYR B 288 10.31 -23.75 -4.47
C TYR B 288 11.59 -24.58 -4.30
N ALA B 289 12.64 -24.04 -3.73
CA ALA B 289 13.86 -24.81 -3.40
C ALA B 289 13.51 -25.88 -2.37
N VAL B 290 12.71 -25.51 -1.38
CA VAL B 290 12.24 -26.50 -0.37
C VAL B 290 11.43 -27.58 -1.06
N ILE B 291 10.50 -27.22 -1.95
CA ILE B 291 9.64 -28.22 -2.62
C ILE B 291 10.50 -29.16 -3.46
N LYS B 292 11.47 -28.65 -4.19
CA LYS B 292 12.31 -29.55 -5.05
C LYS B 292 13.03 -30.53 -4.13
N ALA B 293 13.50 -30.09 -2.97
CA ALA B 293 14.22 -31.00 -2.05
C ALA B 293 13.26 -32.02 -1.45
N ILE B 294 12.03 -31.61 -1.14
CA ILE B 294 11.00 -32.54 -0.62
C ILE B 294 10.73 -33.61 -1.68
N LEU B 295 10.59 -33.22 -2.96
CA LEU B 295 10.27 -34.21 -4.01
C LEU B 295 11.44 -35.18 -4.20
N LYS B 296 12.67 -34.76 -3.95
CA LYS B 296 13.80 -35.72 -3.94
C LYS B 296 13.59 -36.73 -2.80
N ILE B 297 13.28 -36.28 -1.59
CA ILE B 297 13.10 -37.19 -0.43
C ILE B 297 11.89 -38.10 -0.65
N ASN B 298 10.74 -37.55 -1.00
CA ASN B 298 9.47 -38.30 -0.99
C ASN B 298 9.27 -39.11 -2.27
N GLU B 299 9.89 -38.71 -3.39
CA GLU B 299 9.60 -39.33 -4.71
C GLU B 299 10.87 -39.73 -5.46
N GLY B 300 12.06 -39.37 -4.97
CA GLY B 300 13.30 -39.59 -5.71
C GLY B 300 13.39 -38.75 -6.99
N LEU B 301 12.63 -37.68 -7.11
CA LEU B 301 12.68 -36.82 -8.32
C LEU B 301 13.84 -35.84 -8.20
N GLU B 302 14.56 -35.63 -9.31
CA GLU B 302 15.67 -34.67 -9.39
C GLU B 302 15.22 -33.49 -10.25
N LEU B 303 14.89 -32.36 -9.62
CA LEU B 303 14.38 -31.16 -10.35
C LEU B 303 15.48 -30.10 -10.43
N GLY B 304 16.64 -30.32 -9.84
CA GLY B 304 17.69 -29.31 -9.81
C GLY B 304 17.40 -28.22 -8.78
N ALA B 305 18.17 -27.17 -8.93
CA ALA B 305 18.20 -26.02 -8.01
C ALA B 305 17.05 -25.07 -8.36
N VAL B 306 16.99 -23.95 -7.68
CA VAL B 306 16.18 -22.82 -8.18
C VAL B 306 17.15 -21.83 -8.83
N ARG B 307 16.65 -21.11 -9.83
CA ARG B 307 17.47 -20.18 -10.59
C ARG B 307 17.70 -18.88 -9.81
N GLU B 308 18.95 -18.43 -9.75
N GLU B 308 18.95 -18.44 -9.74
CA GLU B 308 19.29 -17.14 -9.13
CA GLU B 308 19.30 -17.14 -9.14
C GLU B 308 18.59 -16.05 -9.93
C GLU B 308 18.58 -16.05 -9.93
N PRO B 309 17.99 -15.02 -9.28
CA PRO B 309 18.24 -14.72 -7.87
C PRO B 309 17.44 -15.43 -6.77
N LEU B 310 16.61 -16.40 -7.09
CA LEU B 310 15.91 -17.11 -5.99
C LEU B 310 16.98 -17.75 -5.11
N PRO B 311 16.88 -17.59 -3.78
CA PRO B 311 17.91 -18.13 -2.88
C PRO B 311 17.85 -19.64 -2.71
N ALA B 312 19.03 -20.24 -2.75
CA ALA B 312 19.18 -21.69 -2.56
C ALA B 312 19.05 -22.04 -1.08
N LEU B 313 18.71 -23.29 -0.82
CA LEU B 313 18.74 -23.82 0.54
C LEU B 313 20.18 -23.71 1.09
N VAL B 314 20.26 -23.53 2.38
CA VAL B 314 21.52 -23.67 3.16
C VAL B 314 21.46 -24.96 3.99
N ASP B 315 22.58 -25.36 4.58
CA ASP B 315 22.63 -26.61 5.36
C ASP B 315 21.55 -26.62 6.45
N GLU B 316 21.37 -25.51 7.14
CA GLU B 316 20.41 -25.32 8.25
C GLU B 316 18.98 -25.60 7.77
N ASP B 317 18.72 -25.48 6.46
CA ASP B 317 17.35 -25.68 5.96
C ASP B 317 17.01 -27.17 5.85
N MET B 318 17.99 -28.07 5.88
CA MET B 318 17.67 -29.49 5.56
C MET B 318 16.79 -30.07 6.66
N GLU B 319 16.85 -29.60 7.90
CA GLU B 319 15.95 -30.10 8.97
C GLU B 319 14.51 -29.66 8.67
N ILE B 320 14.35 -28.43 8.13
CA ILE B 320 12.99 -27.94 7.76
C ILE B 320 12.47 -28.78 6.58
N VAL B 321 13.31 -29.03 5.57
CA VAL B 321 12.93 -29.85 4.40
C VAL B 321 12.42 -31.21 4.90
N LYS B 322 13.22 -31.87 5.73
CA LYS B 322 12.87 -33.22 6.22
C LYS B 322 11.57 -33.22 7.00
N GLU B 323 11.37 -32.23 7.83
CA GLU B 323 10.16 -32.09 8.65
C GLU B 323 8.95 -31.91 7.73
N ALA B 324 9.03 -30.99 6.76
CA ALA B 324 7.92 -30.75 5.84
C ALA B 324 7.61 -32.01 5.04
N ALA B 325 8.64 -32.72 4.57
CA ALA B 325 8.45 -33.96 3.79
C ALA B 325 7.66 -34.96 4.65
N GLN B 326 8.05 -35.11 5.90
CA GLN B 326 7.37 -36.05 6.82
C GLN B 326 5.95 -35.57 7.10
N MET B 327 5.73 -34.27 7.26
CA MET B 327 4.37 -33.74 7.49
C MET B 327 3.46 -34.14 6.34
N ILE B 328 3.96 -34.08 5.10
CA ILE B 328 3.17 -34.48 3.92
C ILE B 328 2.83 -35.97 4.01
N CYS B 329 3.81 -36.80 4.32
CA CYS B 329 3.54 -38.27 4.47
C CYS B 329 2.50 -38.49 5.56
N ASP B 330 2.61 -37.79 6.70
CA ASP B 330 1.71 -38.01 7.85
C ASP B 330 0.28 -37.57 7.48
N ALA B 331 0.15 -36.45 6.76
CA ALA B 331 -1.17 -35.95 6.35
C ALA B 331 -1.82 -36.93 5.35
N LYS B 332 -1.03 -37.45 4.43
CA LYS B 332 -1.56 -38.43 3.44
C LYS B 332 -2.07 -39.65 4.22
N LYS B 333 -1.32 -40.13 5.18
CA LYS B 333 -1.76 -41.32 5.95
C LYS B 333 -3.04 -40.99 6.71
N LYS B 334 -3.18 -39.78 7.24
N LYS B 334 -3.17 -39.78 7.24
CA LYS B 334 -4.36 -39.40 8.03
CA LYS B 334 -4.36 -39.41 8.03
C LYS B 334 -5.61 -39.28 7.13
C LYS B 334 -5.61 -39.30 7.12
N PHE B 335 -5.48 -38.71 5.94
CA PHE B 335 -6.65 -38.28 5.15
C PHE B 335 -7.01 -39.15 3.93
N LEU B 336 -6.11 -39.98 3.43
N LEU B 336 -6.11 -39.98 3.43
CA LEU B 336 -6.38 -40.72 2.16
CA LEU B 336 -6.37 -40.75 2.16
C LEU B 336 -6.97 -42.11 2.46
C LEU B 336 -6.95 -42.13 2.50
N MET C 32 -3.24 41.89 -2.99
CA MET C 32 -2.90 40.43 -2.83
C MET C 32 -2.92 40.04 -1.36
N ARG C 33 -3.49 38.88 -1.03
CA ARG C 33 -3.68 38.46 0.37
C ARG C 33 -2.30 38.42 1.01
N ASN C 34 -2.17 38.98 2.19
CA ASN C 34 -0.87 39.07 2.93
C ASN C 34 -0.78 37.85 3.87
N LEU C 35 0.17 36.96 3.59
CA LEU C 35 0.34 35.74 4.44
C LEU C 35 1.67 35.78 5.16
N GLU C 36 2.27 36.97 5.32
CA GLU C 36 3.61 37.04 5.92
C GLU C 36 3.58 36.46 7.35
N LYS C 37 2.47 36.62 8.09
CA LYS C 37 2.43 36.17 9.49
C LYS C 37 2.55 34.64 9.57
N TYR C 38 2.42 33.94 8.47
CA TYR C 38 2.47 32.46 8.44
C TYR C 38 3.83 31.95 7.97
N LYS C 39 4.71 32.85 7.53
CA LYS C 39 5.98 32.46 6.89
C LYS C 39 7.05 32.37 7.95
N GLY C 40 7.46 31.18 8.25
CA GLY C 40 8.53 30.95 9.23
C GLY C 40 8.28 29.65 9.93
N VAL C 41 8.83 29.56 11.11
CA VAL C 41 8.85 28.32 11.90
C VAL C 41 7.69 28.36 12.88
N ILE C 42 6.76 27.42 12.75
CA ILE C 42 5.55 27.33 13.60
C ILE C 42 5.54 25.93 14.23
N PRO C 43 6.15 25.77 15.41
CA PRO C 43 6.11 24.50 16.10
C PRO C 43 4.69 24.03 16.42
N ALA C 44 4.48 22.73 16.33
CA ALA C 44 3.32 22.10 16.96
C ALA C 44 3.44 22.25 18.46
N PHE C 45 2.35 22.69 19.07
CA PHE C 45 2.27 22.87 20.52
C PHE C 45 1.97 21.52 21.15
N TYR C 46 2.74 21.11 22.15
CA TYR C 46 2.53 19.81 22.82
C TYR C 46 1.35 19.91 23.80
N ALA C 47 0.79 18.75 24.11
CA ALA C 47 -0.17 18.56 25.20
C ALA C 47 0.58 18.74 26.52
N CYS C 48 0.05 19.62 27.38
CA CYS C 48 0.64 19.91 28.71
C CYS C 48 -0.33 19.42 29.78
N TYR C 49 0.06 18.39 30.51
CA TYR C 49 -0.79 17.76 31.52
C TYR C 49 -0.23 18.00 32.92
N ASP C 50 -1.13 17.93 33.87
CA ASP C 50 -0.78 17.91 35.31
C ASP C 50 -0.46 16.47 35.71
N LYS C 51 -0.21 16.22 37.00
CA LYS C 51 0.23 14.89 37.45
C LYS C 51 -0.93 13.89 37.38
N GLU C 52 -2.16 14.37 37.37
CA GLU C 52 -3.41 13.55 37.30
C GLU C 52 -3.76 13.28 35.83
N GLY C 53 -3.02 13.85 34.87
CA GLY C 53 -3.23 13.60 33.42
C GLY C 53 -4.25 14.53 32.80
N ASN C 54 -4.75 15.55 33.49
CA ASN C 54 -5.65 16.53 32.89
C ASN C 54 -4.82 17.65 32.29
N ILE C 55 -5.45 18.44 31.42
CA ILE C 55 -4.79 19.64 30.84
C ILE C 55 -4.40 20.56 31.99
N SER C 56 -3.16 21.00 32.00
CA SER C 56 -2.60 21.94 32.98
C SER C 56 -2.64 23.35 32.41
N PRO C 57 -3.52 24.25 32.93
CA PRO C 57 -3.47 25.63 32.49
C PRO C 57 -2.08 26.26 32.69
N GLU C 58 -1.45 26.05 33.86
CA GLU C 58 -0.10 26.60 34.14
C GLU C 58 0.93 26.00 33.19
N GLY C 59 0.82 24.70 32.89
CA GLY C 59 1.75 24.04 31.96
C GLY C 59 1.63 24.62 30.56
N VAL C 60 0.40 24.84 30.12
CA VAL C 60 0.14 25.42 28.77
C VAL C 60 0.69 26.84 28.72
N GLN C 61 0.45 27.65 29.77
CA GLN C 61 0.97 29.02 29.75
C GLN C 61 2.50 29.00 29.71
N GLY C 62 3.13 28.10 30.46
CA GLY C 62 4.58 27.99 30.51
C GLY C 62 5.15 27.63 29.14
N LEU C 63 4.55 26.67 28.47
CA LEU C 63 5.07 26.27 27.13
C LEU C 63 4.83 27.39 26.12
N THR C 64 3.75 28.15 26.26
CA THR C 64 3.50 29.29 25.37
C THR C 64 4.61 30.35 25.57
N LYS C 65 4.93 30.67 26.83
CA LYS C 65 5.98 31.66 27.12
C LYS C 65 7.34 31.17 26.60
N TYR C 66 7.57 29.86 26.65
CA TYR C 66 8.78 29.23 26.09
C TYR C 66 8.86 29.54 24.59
N PHE C 67 7.76 29.34 23.86
CA PHE C 67 7.79 29.61 22.40
C PHE C 67 7.96 31.11 22.12
N VAL C 68 7.37 31.98 22.91
CA VAL C 68 7.64 33.44 22.77
C VAL C 68 9.13 33.72 22.97
N LYS C 69 9.74 33.19 24.03
CA LYS C 69 11.16 33.40 24.34
C LYS C 69 12.06 32.90 23.20
N LYS C 70 11.68 31.78 22.56
CA LYS C 70 12.51 31.18 21.53
C LYS C 70 12.35 31.91 20.20
N GLY C 71 11.40 32.83 20.07
CA GLY C 71 11.32 33.70 18.89
C GLY C 71 10.78 32.99 17.65
N VAL C 72 9.99 31.95 17.82
CA VAL C 72 9.33 31.30 16.67
C VAL C 72 8.23 32.21 16.13
N LYS C 73 7.77 31.93 14.92
CA LYS C 73 6.76 32.76 14.26
C LYS C 73 5.39 32.57 14.91
N GLY C 74 5.07 31.34 15.31
CA GLY C 74 3.73 31.03 15.78
C GLY C 74 3.71 29.66 16.40
N VAL C 75 2.50 29.24 16.77
CA VAL C 75 2.26 27.88 17.27
C VAL C 75 1.07 27.28 16.57
N TYR C 76 1.14 25.96 16.39
CA TYR C 76 0.07 25.13 15.79
C TYR C 76 -0.49 24.31 16.93
N VAL C 77 -1.71 24.65 17.37
CA VAL C 77 -2.24 24.20 18.66
C VAL C 77 -3.25 23.06 18.43
N ASN C 78 -3.21 22.04 19.25
CA ASN C 78 -4.20 20.92 19.25
C ASN C 78 -4.14 20.18 17.91
N GLY C 79 -2.94 20.06 17.32
CA GLY C 79 -2.71 19.10 16.24
C GLY C 79 -2.51 17.70 16.76
N SER C 80 -2.22 16.73 15.88
CA SER C 80 -1.96 15.36 16.38
C SER C 80 -0.69 15.35 17.22
N SER C 81 0.30 16.22 16.97
CA SER C 81 1.50 16.32 17.82
C SER C 81 1.13 16.87 19.19
N GLY C 82 -0.01 17.56 19.29
CA GLY C 82 -0.60 18.04 20.56
C GLY C 82 -1.56 17.02 21.16
N GLU C 83 -1.57 15.80 20.61
CA GLU C 83 -2.39 14.67 21.13
C GLU C 83 -3.87 14.96 20.96
N CYS C 84 -4.26 15.68 19.92
CA CYS C 84 -5.70 16.05 19.76
C CYS C 84 -6.56 14.81 19.61
N ILE C 85 -6.05 13.75 18.98
CA ILE C 85 -6.84 12.51 18.77
C ILE C 85 -7.36 12.04 20.14
N TYR C 86 -6.58 12.27 21.19
CA TYR C 86 -6.81 11.70 22.53
C TYR C 86 -7.45 12.69 23.49
N GLN C 87 -7.84 13.88 22.99
CA GLN C 87 -8.39 14.94 23.86
C GLN C 87 -9.88 15.12 23.58
N SER C 88 -10.58 15.57 24.62
CA SER C 88 -11.99 15.99 24.49
C SER C 88 -12.06 17.40 23.92
N VAL C 89 -13.26 17.79 23.50
CA VAL C 89 -13.53 19.18 23.10
C VAL C 89 -13.15 20.10 24.28
N GLU C 90 -13.57 19.75 25.49
CA GLU C 90 -13.30 20.62 26.66
C GLU C 90 -11.78 20.73 26.88
N ASP C 91 -11.03 19.62 26.77
CA ASP C 91 -9.56 19.65 26.89
C ASP C 91 -8.99 20.68 25.90
N ARG C 92 -9.43 20.59 24.64
CA ARG C 92 -8.84 21.41 23.57
C ARG C 92 -9.22 22.89 23.77
N LYS C 93 -10.40 23.16 24.28
CA LYS C 93 -10.76 24.56 24.62
C LYS C 93 -9.84 25.09 25.70
N ILE C 94 -9.59 24.30 26.74
CA ILE C 94 -8.71 24.73 27.87
C ILE C 94 -7.31 25.02 27.34
N VAL C 95 -6.78 24.14 26.44
CA VAL C 95 -5.45 24.39 25.88
C VAL C 95 -5.45 25.76 25.17
N LEU C 96 -6.40 25.97 24.24
CA LEU C 96 -6.32 27.17 23.40
C LEU C 96 -6.57 28.44 24.26
N GLU C 97 -7.46 28.34 25.24
CA GLU C 97 -7.70 29.51 26.12
C GLU C 97 -6.39 29.92 26.79
N ASN C 98 -5.64 28.95 27.29
CA ASN C 98 -4.40 29.25 28.05
C ASN C 98 -3.28 29.68 27.11
N VAL C 99 -3.23 29.20 25.87
CA VAL C 99 -2.27 29.77 24.90
C VAL C 99 -2.60 31.26 24.69
N MET C 100 -3.86 31.54 24.41
CA MET C 100 -4.25 32.90 23.97
C MET C 100 -4.09 33.87 25.15
N LYS C 101 -4.23 33.38 26.37
CA LYS C 101 -4.10 34.20 27.61
C LYS C 101 -2.73 34.83 27.65
N VAL C 102 -1.66 34.13 27.26
CA VAL C 102 -0.32 34.65 27.63
C VAL C 102 0.47 34.95 26.39
N ALA C 103 -0.03 34.69 25.19
CA ALA C 103 0.74 34.92 23.97
C ALA C 103 0.94 36.43 23.73
N GLU C 104 0.03 37.26 24.20
CA GLU C 104 0.11 38.74 24.11
C GLU C 104 0.30 39.18 22.65
N GLY C 105 -0.34 38.54 21.67
CA GLY C 105 -0.19 38.93 20.25
C GLY C 105 1.22 38.64 19.68
N LYS C 106 2.09 37.94 20.40
CA LYS C 106 3.47 37.73 19.96
C LYS C 106 3.59 36.55 19.01
N LEU C 107 2.59 35.70 18.93
CA LEU C 107 2.65 34.46 18.11
C LEU C 107 1.51 34.48 17.10
N THR C 108 1.79 34.04 15.88
CA THR C 108 0.71 33.58 14.98
C THR C 108 0.11 32.32 15.60
N VAL C 109 -1.20 32.23 15.74
CA VAL C 109 -1.85 31.04 16.34
C VAL C 109 -2.73 30.37 15.28
N ILE C 110 -2.36 29.11 14.99
CA ILE C 110 -3.20 28.26 14.14
C ILE C 110 -3.79 27.19 15.06
N ALA C 111 -5.11 27.12 15.16
CA ALA C 111 -5.80 26.16 16.02
C ALA C 111 -6.33 25.03 15.14
N HIS C 112 -5.78 23.84 15.32
CA HIS C 112 -6.31 22.63 14.67
C HIS C 112 -7.61 22.25 15.42
N VAL C 113 -8.72 22.19 14.71
CA VAL C 113 -10.05 22.03 15.34
C VAL C 113 -10.76 20.76 14.87
N ALA C 114 -10.17 19.97 13.99
CA ALA C 114 -10.84 18.74 13.51
C ALA C 114 -10.97 17.73 14.65
N CYS C 115 -12.15 17.13 14.70
CA CYS C 115 -12.52 16.01 15.59
C CYS C 115 -13.07 14.88 14.74
N ASN C 116 -13.37 13.75 15.36
CA ASN C 116 -13.88 12.61 14.59
C ASN C 116 -15.18 13.03 13.89
N ASN C 117 -16.08 13.72 14.60
CA ASN C 117 -17.37 14.14 13.96
C ASN C 117 -17.35 15.62 13.58
N THR C 118 -18.33 15.99 12.77
CA THR C 118 -18.39 17.38 12.29
C THR C 118 -18.83 18.32 13.41
N LYS C 119 -19.77 17.91 14.22
CA LYS C 119 -20.34 18.89 15.20
C LYS C 119 -19.29 19.29 16.24
N ASP C 120 -18.46 18.36 16.70
CA ASP C 120 -17.40 18.71 17.67
C ASP C 120 -16.39 19.63 16.97
N SER C 121 -16.09 19.39 15.71
CA SER C 121 -15.17 20.25 14.92
C SER C 121 -15.76 21.66 14.81
N GLN C 122 -17.05 21.79 14.50
CA GLN C 122 -17.73 23.10 14.41
C GLN C 122 -17.68 23.81 15.75
N GLU C 123 -17.87 23.09 16.84
CA GLU C 123 -17.85 23.70 18.20
C GLU C 123 -16.46 24.29 18.47
N LEU C 124 -15.39 23.55 18.12
CA LEU C 124 -14.05 24.06 18.34
C LEU C 124 -13.74 25.21 17.39
N ALA C 125 -14.23 25.18 16.15
CA ALA C 125 -13.99 26.28 15.19
C ALA C 125 -14.62 27.58 15.74
N ARG C 126 -15.86 27.49 16.23
CA ARG C 126 -16.56 28.67 16.74
C ARG C 126 -15.79 29.21 17.95
N HIS C 127 -15.36 28.32 18.84
CA HIS C 127 -14.61 28.70 20.05
C HIS C 127 -13.33 29.41 19.65
N ALA C 128 -12.59 28.86 18.67
CA ALA C 128 -11.30 29.43 18.24
C ALA C 128 -11.51 30.82 17.63
N GLU C 129 -12.55 30.99 16.83
CA GLU C 129 -12.82 32.33 16.24
C GLU C 129 -13.16 33.31 17.39
N GLY C 130 -13.87 32.83 18.40
CA GLY C 130 -14.21 33.69 19.56
C GLY C 130 -12.96 34.18 20.27
N LEU C 131 -11.85 33.45 20.24
CA LEU C 131 -10.58 33.86 20.87
C LEU C 131 -9.70 34.67 19.92
N GLY C 132 -10.08 34.83 18.65
CA GLY C 132 -9.29 35.62 17.72
C GLY C 132 -8.00 34.91 17.28
N VAL C 133 -8.04 33.61 17.06
CA VAL C 133 -6.89 32.92 16.43
C VAL C 133 -6.68 33.49 15.02
N ASP C 134 -5.46 33.35 14.50
CA ASP C 134 -5.16 33.75 13.11
C ASP C 134 -5.81 32.80 12.10
N ALA C 135 -5.75 31.50 12.39
CA ALA C 135 -6.27 30.48 11.47
C ALA C 135 -6.80 29.30 12.27
N ILE C 136 -7.69 28.56 11.65
CA ILE C 136 -8.07 27.20 12.09
C ILE C 136 -7.57 26.24 11.03
N ALA C 137 -7.38 24.99 11.44
CA ALA C 137 -6.85 23.94 10.57
C ALA C 137 -7.66 22.67 10.77
N ALA C 138 -7.63 21.80 9.77
CA ALA C 138 -8.34 20.50 9.88
C ALA C 138 -7.63 19.45 9.04
N ILE C 139 -7.35 18.33 9.69
CA ILE C 139 -7.11 17.04 8.98
C ILE C 139 -8.41 16.63 8.30
N PRO C 140 -8.37 15.66 7.38
CA PRO C 140 -9.58 15.09 6.80
C PRO C 140 -10.30 14.23 7.83
N PRO C 141 -11.52 13.77 7.47
CA PRO C 141 -12.16 12.67 8.18
C PRO C 141 -11.22 11.47 8.19
N ILE C 142 -11.23 10.74 9.30
CA ILE C 142 -10.32 9.58 9.50
C ILE C 142 -11.12 8.28 9.62
N TYR C 143 -10.39 7.17 9.67
CA TYR C 143 -10.89 5.80 9.87
C TYR C 143 -11.64 5.33 8.63
N PHE C 144 -12.88 5.73 8.44
CA PHE C 144 -13.55 5.48 7.15
C PHE C 144 -12.91 6.36 6.08
N HIS C 145 -12.87 5.87 4.87
CA HIS C 145 -12.30 6.61 3.72
C HIS C 145 -13.48 7.24 2.98
N LEU C 146 -13.74 8.51 3.21
CA LEU C 146 -14.94 9.15 2.66
C LEU C 146 -14.65 9.74 1.30
N PRO C 147 -15.68 9.86 0.47
CA PRO C 147 -15.53 10.42 -0.85
C PRO C 147 -15.18 11.92 -0.77
N GLU C 148 -14.63 12.43 -1.86
CA GLU C 148 -14.12 13.82 -1.85
C GLU C 148 -15.25 14.79 -1.51
N TYR C 149 -16.49 14.59 -2.01
CA TYR C 149 -17.59 15.52 -1.71
C TYR C 149 -17.86 15.56 -0.20
N ALA C 150 -17.69 14.43 0.51
CA ALA C 150 -17.94 14.38 1.96
C ALA C 150 -16.79 15.07 2.70
N ILE C 151 -15.56 14.92 2.18
CA ILE C 151 -14.38 15.59 2.81
C ILE C 151 -14.61 17.11 2.67
N ALA C 152 -14.96 17.59 1.47
CA ALA C 152 -15.17 19.03 1.24
C ALA C 152 -16.30 19.52 2.16
N GLN C 153 -17.36 18.74 2.28
CA GLN C 153 -18.51 19.15 3.14
C GLN C 153 -18.03 19.31 4.58
N TYR C 154 -17.20 18.40 5.07
CA TYR C 154 -16.66 18.44 6.45
C TYR C 154 -15.85 19.72 6.64
N TRP C 155 -14.87 19.96 5.77
CA TRP C 155 -14.04 21.18 5.88
C TRP C 155 -14.88 22.45 5.76
N ASN C 156 -15.78 22.48 4.79
CA ASN C 156 -16.62 23.69 4.59
C ASN C 156 -17.53 23.90 5.80
N ALA C 157 -18.04 22.85 6.42
CA ALA C 157 -18.89 23.00 7.63
C ALA C 157 -18.06 23.57 8.78
N ILE C 158 -16.83 23.08 8.92
CA ILE C 158 -15.93 23.60 9.97
C ILE C 158 -15.66 25.09 9.68
N SER C 159 -15.34 25.42 8.44
CA SER C 159 -15.01 26.81 8.04
C SER C 159 -16.22 27.71 8.29
N ALA C 160 -17.43 27.24 8.00
CA ALA C 160 -18.65 28.07 8.17
C ALA C 160 -18.88 28.38 9.65
N ALA C 161 -18.37 27.58 10.57
CA ALA C 161 -18.50 27.82 12.03
C ALA C 161 -17.53 28.92 12.47
N ALA C 162 -16.50 29.20 11.67
CA ALA C 162 -15.50 30.27 11.92
C ALA C 162 -15.40 31.08 10.66
N PRO C 163 -16.51 31.75 10.26
CA PRO C 163 -16.59 32.27 8.90
C PRO C 163 -15.70 33.48 8.62
N ASN C 164 -15.10 34.05 9.65
CA ASN C 164 -14.19 35.22 9.51
C ASN C 164 -12.74 34.79 9.70
N THR C 165 -12.46 33.49 9.71
CA THR C 165 -11.14 32.97 10.11
C THR C 165 -10.47 32.26 8.94
N ASP C 166 -9.18 32.54 8.74
CA ASP C 166 -8.34 31.77 7.79
C ASP C 166 -8.43 30.27 8.08
N PHE C 167 -8.35 29.46 7.02
CA PHE C 167 -8.51 28.00 7.12
C PHE C 167 -7.36 27.31 6.42
N VAL C 168 -6.72 26.39 7.13
CA VAL C 168 -5.57 25.57 6.60
C VAL C 168 -6.03 24.11 6.54
N ILE C 169 -5.88 23.49 5.38
CA ILE C 169 -6.13 22.04 5.19
C ILE C 169 -4.86 21.32 5.64
N TYR C 170 -4.99 20.29 6.46
CA TYR C 170 -3.82 19.49 6.88
C TYR C 170 -3.86 18.18 6.10
N ASN C 171 -2.93 18.00 5.16
CA ASN C 171 -2.85 16.82 4.30
C ASN C 171 -1.91 15.81 4.95
N ILE C 172 -2.44 14.65 5.35
N ILE C 172 -2.43 14.64 5.30
CA ILE C 172 -1.63 13.60 6.03
CA ILE C 172 -1.67 13.60 6.05
C ILE C 172 -2.21 12.24 5.63
C ILE C 172 -2.22 12.24 5.62
N PRO C 173 -2.06 11.87 4.34
CA PRO C 173 -2.71 10.67 3.81
C PRO C 173 -2.26 9.40 4.52
N GLN C 174 -1.01 9.36 4.97
CA GLN C 174 -0.43 8.16 5.62
C GLN C 174 -1.21 7.79 6.88
N LEU C 175 -1.76 8.77 7.57
CA LEU C 175 -2.51 8.56 8.85
C LEU C 175 -4.01 8.67 8.64
N ALA C 176 -4.49 9.64 7.88
CA ALA C 176 -5.94 9.83 7.67
C ALA C 176 -6.52 8.77 6.75
N GLY C 177 -5.75 8.27 5.80
CA GLY C 177 -6.13 7.25 4.83
C GLY C 177 -6.78 7.82 3.57
N VAL C 178 -6.92 9.16 3.50
CA VAL C 178 -7.40 9.87 2.30
C VAL C 178 -6.44 11.05 2.08
N ALA C 179 -6.33 11.46 0.82
CA ALA C 179 -5.42 12.55 0.41
C ALA C 179 -6.20 13.77 -0.04
N LEU C 180 -5.57 14.93 0.14
CA LEU C 180 -5.97 16.14 -0.59
C LEU C 180 -5.48 15.97 -2.03
N THR C 181 -6.38 15.61 -2.92
CA THR C 181 -6.07 15.49 -4.35
C THR C 181 -6.05 16.87 -5.00
N GLN C 182 -5.49 16.96 -6.21
CA GLN C 182 -5.53 18.26 -6.93
C GLN C 182 -6.98 18.70 -7.14
N ASN C 183 -7.91 17.78 -7.48
CA ASN C 183 -9.32 18.13 -7.71
C ASN C 183 -9.98 18.61 -6.42
N LEU C 184 -9.71 17.96 -5.31
CA LEU C 184 -10.32 18.38 -4.04
C LEU C 184 -9.76 19.75 -3.65
N PHE C 185 -8.48 20.02 -3.93
CA PHE C 185 -7.92 21.35 -3.60
C PHE C 185 -8.58 22.42 -4.47
N VAL C 186 -8.82 22.13 -5.77
CA VAL C 186 -9.57 23.09 -6.63
C VAL C 186 -10.91 23.42 -5.94
N GLU C 187 -11.65 22.39 -5.49
CA GLU C 187 -12.96 22.64 -4.86
C GLU C 187 -12.78 23.48 -3.61
N MET C 188 -11.78 23.18 -2.79
CA MET C 188 -11.62 23.92 -1.54
C MET C 188 -11.17 25.37 -1.79
N ARG C 189 -10.49 25.68 -2.89
CA ARG C 189 -10.06 27.06 -3.19
C ARG C 189 -11.27 27.93 -3.53
N LYS C 190 -12.44 27.33 -3.72
CA LYS C 190 -13.70 28.10 -3.91
C LYS C 190 -14.12 28.75 -2.61
N ASN C 191 -13.65 28.26 -1.48
CA ASN C 191 -13.92 28.85 -0.15
C ASN C 191 -12.85 29.91 0.06
N PRO C 192 -13.20 31.21 0.14
CA PRO C 192 -12.21 32.27 0.15
C PRO C 192 -11.40 32.27 1.46
N ASN C 193 -11.90 31.62 2.52
CA ASN C 193 -11.16 31.57 3.79
C ASN C 193 -9.96 30.61 3.69
N VAL C 194 -9.95 29.66 2.76
CA VAL C 194 -8.81 28.70 2.66
C VAL C 194 -7.57 29.47 2.26
N ILE C 195 -6.50 29.34 3.06
CA ILE C 195 -5.23 30.08 2.81
C ILE C 195 -4.16 29.10 2.35
N GLY C 196 -4.40 27.80 2.42
CA GLY C 196 -3.36 26.87 1.98
C GLY C 196 -3.42 25.55 2.68
N VAL C 197 -2.27 24.88 2.72
CA VAL C 197 -2.19 23.44 3.04
C VAL C 197 -0.97 23.22 3.91
N ALA C 198 -1.14 22.56 5.03
CA ALA C 198 -0.02 22.00 5.78
C ALA C 198 0.21 20.58 5.27
N ASN C 199 1.30 20.39 4.55
CA ASN C 199 1.50 19.15 3.79
C ASN C 199 2.44 18.22 4.56
N SER C 200 1.91 17.07 4.99
CA SER C 200 2.69 16.06 5.72
C SER C 200 2.78 14.76 4.90
N SER C 201 2.34 14.73 3.66
CA SER C 201 2.67 13.61 2.77
C SER C 201 4.17 13.67 2.52
N MET C 202 4.77 12.56 2.14
CA MET C 202 6.25 12.52 1.99
C MET C 202 6.79 13.12 0.69
N PRO C 203 6.09 13.08 -0.46
CA PRO C 203 6.68 13.68 -1.67
C PRO C 203 6.71 15.21 -1.55
N VAL C 204 7.88 15.81 -1.73
CA VAL C 204 7.95 17.28 -1.87
C VAL C 204 7.29 17.68 -3.19
N GLN C 205 7.15 16.75 -4.14
CA GLN C 205 6.36 17.03 -5.36
C GLN C 205 4.96 17.51 -4.97
N ASP C 206 4.37 17.00 -3.89
CA ASP C 206 3.00 17.42 -3.51
C ASP C 206 3.00 18.90 -3.14
N ILE C 207 4.03 19.34 -2.43
CA ILE C 207 4.21 20.78 -2.09
C ILE C 207 4.25 21.59 -3.39
N GLN C 208 5.11 21.17 -4.31
CA GLN C 208 5.30 21.89 -5.59
C GLN C 208 3.97 21.95 -6.35
N MET C 209 3.21 20.86 -6.41
CA MET C 209 1.99 20.84 -7.23
C MET C 209 0.91 21.74 -6.56
N PHE C 210 0.79 21.67 -5.26
CA PHE C 210 -0.20 22.52 -4.55
C PHE C 210 0.17 23.99 -4.77
N LYS C 211 1.44 24.36 -4.62
CA LYS C 211 1.87 25.76 -4.71
C LYS C 211 1.68 26.23 -6.15
N GLN C 212 2.08 25.42 -7.13
CA GLN C 212 1.96 25.79 -8.57
C GLN C 212 0.49 26.00 -8.92
N ALA C 213 -0.42 25.16 -8.43
CA ALA C 213 -1.85 25.29 -8.75
C ALA C 213 -2.41 26.56 -8.11
N ALA C 214 -2.04 26.82 -6.85
CA ALA C 214 -2.72 27.85 -6.03
C ALA C 214 -2.17 29.25 -6.30
N GLY C 215 -0.87 29.40 -6.43
CA GLY C 215 -0.22 30.70 -6.66
C GLY C 215 0.02 31.50 -5.39
N ALA C 216 0.14 32.80 -5.52
CA ALA C 216 0.79 33.64 -4.49
C ALA C 216 -0.15 33.95 -3.33
N GLU C 217 -1.46 33.78 -3.45
CA GLU C 217 -2.39 34.07 -2.35
C GLU C 217 -2.55 32.86 -1.42
N TYR C 218 -1.73 31.84 -1.57
CA TYR C 218 -1.81 30.62 -0.74
C TYR C 218 -0.43 30.32 -0.21
N ILE C 219 -0.42 29.63 0.90
CA ILE C 219 0.83 29.17 1.57
C ILE C 219 0.74 27.67 1.75
N ILE C 220 1.84 27.00 1.46
CA ILE C 220 2.05 25.58 1.79
C ILE C 220 3.04 25.53 2.95
N PHE C 221 2.66 24.77 3.98
CA PHE C 221 3.56 24.55 5.13
C PHE C 221 4.23 23.20 4.97
N ASN C 222 5.54 23.14 5.15
CA ASN C 222 6.23 21.84 5.18
C ASN C 222 5.89 21.12 6.48
N GLY C 223 5.38 19.90 6.38
CA GLY C 223 5.03 19.05 7.52
C GLY C 223 6.13 18.08 7.94
N PRO C 224 6.86 17.37 7.04
CA PRO C 224 7.85 16.36 7.44
C PRO C 224 9.15 17.05 7.87
N ASP C 225 9.40 17.08 9.17
CA ASP C 225 10.52 17.89 9.71
C ASP C 225 11.86 17.42 9.12
N GLU C 226 11.98 16.12 8.85
CA GLU C 226 13.21 15.50 8.29
C GLU C 226 13.50 16.02 6.88
N GLN C 227 12.53 16.65 6.24
CA GLN C 227 12.63 17.18 4.87
C GLN C 227 12.50 18.70 4.82
N PHE C 228 12.59 19.38 5.99
CA PHE C 228 12.37 20.84 6.13
C PHE C 228 13.03 21.61 4.97
N MET C 229 14.32 21.46 4.77
CA MET C 229 15.01 22.35 3.81
C MET C 229 14.53 22.03 2.39
N SER C 230 14.21 20.77 2.10
CA SER C 230 13.77 20.37 0.75
C SER C 230 12.37 20.89 0.45
N GLY C 231 11.43 20.79 1.41
CA GLY C 231 10.07 21.35 1.20
C GLY C 231 10.13 22.87 1.06
N ARG C 232 10.95 23.51 1.87
CA ARG C 232 11.11 24.98 1.82
C ARG C 232 11.58 25.41 0.43
N VAL C 233 12.65 24.79 -0.09
CA VAL C 233 13.23 25.33 -1.34
C VAL C 233 12.24 25.12 -2.50
N ILE C 234 11.38 24.11 -2.47
CA ILE C 234 10.53 23.82 -3.64
C ILE C 234 9.23 24.61 -3.55
N GLY C 235 9.03 25.40 -2.50
CA GLY C 235 7.90 26.36 -2.50
C GLY C 235 7.07 26.43 -1.24
N ALA C 236 7.36 25.64 -0.20
CA ALA C 236 6.68 25.79 1.09
C ALA C 236 7.27 27.03 1.78
N GLU C 237 6.47 28.06 2.04
CA GLU C 237 6.97 29.28 2.70
C GLU C 237 6.73 29.21 4.21
N GLY C 238 5.99 28.22 4.66
CA GLY C 238 5.83 27.95 6.09
C GLY C 238 6.28 26.56 6.44
N ALA C 239 6.33 26.29 7.72
CA ALA C 239 6.81 25.01 8.26
C ALA C 239 6.16 24.79 9.61
N ILE C 240 5.47 23.66 9.74
CA ILE C 240 4.79 23.24 10.98
C ILE C 240 5.36 21.87 11.34
N GLY C 241 5.89 21.69 12.55
CA GLY C 241 6.62 20.47 12.88
C GLY C 241 6.45 20.04 14.31
N GLY C 242 6.31 18.74 14.50
CA GLY C 242 6.20 18.14 15.84
C GLY C 242 7.51 18.11 16.59
N THR C 243 8.67 18.18 15.94
CA THR C 243 9.96 18.09 16.69
C THR C 243 10.52 19.47 16.94
N TYR C 244 9.92 20.54 16.41
CA TYR C 244 10.53 21.88 16.50
C TYR C 244 10.65 22.29 17.97
N GLY C 245 9.66 21.96 18.81
CA GLY C 245 9.68 22.39 20.21
C GLY C 245 10.83 21.80 20.99
N ALA C 246 11.44 20.71 20.53
CA ALA C 246 12.61 20.13 21.22
C ALA C 246 13.84 21.00 21.00
N MET C 247 13.87 21.78 19.92
CA MET C 247 15.12 22.42 19.45
C MET C 247 14.80 23.57 18.51
N PRO C 248 13.95 24.54 18.95
CA PRO C 248 13.43 25.54 18.01
C PRO C 248 14.51 26.42 17.40
N GLU C 249 15.56 26.71 18.17
CA GLU C 249 16.65 27.58 17.68
C GLU C 249 17.29 26.91 16.46
N LEU C 250 17.37 25.57 16.42
CA LEU C 250 18.06 24.90 15.30
C LEU C 250 17.20 25.09 14.04
N TYR C 251 15.88 24.92 14.14
CA TYR C 251 15.03 25.13 12.94
C TYR C 251 15.00 26.61 12.53
N LEU C 252 15.05 27.56 13.48
CA LEU C 252 15.16 28.97 13.10
C LEU C 252 16.47 29.22 12.36
N LYS C 253 17.57 28.63 12.82
CA LYS C 253 18.88 28.83 12.18
C LYS C 253 18.89 28.17 10.81
N LEU C 254 18.28 26.99 10.69
CA LEU C 254 18.11 26.30 9.40
C LEU C 254 17.37 27.24 8.45
N ASP C 255 16.28 27.81 8.88
CA ASP C 255 15.43 28.69 8.03
C ASP C 255 16.26 29.93 7.61
N GLU C 256 17.03 30.49 8.53
CA GLU C 256 17.89 31.65 8.23
C GLU C 256 18.90 31.26 7.13
N CYS C 257 19.52 30.09 7.25
CA CYS C 257 20.50 29.66 6.23
C CYS C 257 19.79 29.49 4.87
N ILE C 258 18.61 28.88 4.86
CA ILE C 258 17.86 28.67 3.58
C ILE C 258 17.58 30.03 2.96
N ASN C 259 17.07 30.97 3.72
CA ASN C 259 16.67 32.29 3.18
C ASN C 259 17.91 33.03 2.67
N ALA C 260 19.11 32.72 3.18
CA ALA C 260 20.37 33.36 2.73
C ALA C 260 21.01 32.58 1.56
N GLY C 261 20.44 31.47 1.12
CA GLY C 261 21.03 30.67 0.04
C GLY C 261 22.23 29.87 0.51
N LYS C 262 22.42 29.70 1.80
CA LYS C 262 23.60 29.00 2.38
C LYS C 262 23.23 27.54 2.54
N MET C 263 23.23 26.79 1.44
N MET C 263 23.23 26.78 1.43
CA MET C 263 22.63 25.43 1.43
CA MET C 263 22.66 25.42 1.38
C MET C 263 23.58 24.44 2.11
C MET C 263 23.59 24.44 2.12
N THR C 264 24.90 24.67 2.12
CA THR C 264 25.83 23.75 2.81
C THR C 264 25.61 23.85 4.31
N GLU C 265 25.53 25.07 4.81
CA GLU C 265 25.28 25.29 6.26
C GLU C 265 23.90 24.75 6.63
N ALA C 266 22.90 24.98 5.77
CA ALA C 266 21.54 24.45 5.99
C ALA C 266 21.58 22.93 6.09
N ARG C 267 22.29 22.27 5.17
CA ARG C 267 22.35 20.80 5.17
C ARG C 267 22.99 20.31 6.47
N LYS C 268 24.04 20.98 6.96
CA LYS C 268 24.65 20.54 8.24
C LYS C 268 23.60 20.57 9.35
N ILE C 269 22.81 21.63 9.44
CA ILE C 269 21.81 21.74 10.51
C ILE C 269 20.71 20.70 10.30
N GLN C 270 20.22 20.55 9.07
CA GLN C 270 19.19 19.52 8.77
C GLN C 270 19.69 18.15 9.22
N TYR C 271 20.94 17.80 8.92
CA TYR C 271 21.45 16.48 9.26
C TYR C 271 21.54 16.33 10.79
N ALA C 272 21.93 17.39 11.49
CA ALA C 272 22.02 17.34 12.96
C ALA C 272 20.62 17.16 13.54
N CYS C 273 19.65 17.91 13.03
CA CYS C 273 18.26 17.79 13.49
C CYS C 273 17.78 16.37 13.24
N ASN C 274 18.01 15.84 12.04
CA ASN C 274 17.49 14.50 11.69
C ASN C 274 18.11 13.44 12.61
N GLU C 275 19.43 13.49 12.87
CA GLU C 275 20.10 12.55 13.80
C GLU C 275 19.39 12.61 15.17
N ILE C 276 19.06 13.79 15.64
CA ILE C 276 18.33 13.95 16.93
C ILE C 276 16.94 13.29 16.83
N ILE C 277 16.21 13.53 15.75
CA ILE C 277 14.88 12.91 15.57
C ILE C 277 15.03 11.39 15.62
N TYR C 278 16.00 10.84 14.92
CA TYR C 278 16.17 9.37 14.86
C TYR C 278 16.48 8.87 16.27
N LYS C 279 17.31 9.58 17.01
CA LYS C 279 17.60 9.20 18.42
C LYS C 279 16.32 9.22 19.25
N MET C 280 15.55 10.29 19.15
CA MET C 280 14.29 10.39 19.96
C MET C 280 13.34 9.25 19.58
N CYS C 281 13.31 8.83 18.32
CA CYS C 281 12.36 7.79 17.85
C CYS C 281 12.88 6.40 18.19
N SER C 282 14.08 6.25 18.71
CA SER C 282 14.69 4.94 19.04
C SER C 282 14.25 4.43 20.41
N ALA C 283 13.55 5.24 21.19
CA ALA C 283 13.02 4.86 22.52
C ALA C 283 11.85 3.90 22.40
N HIS C 284 11.62 3.17 23.47
CA HIS C 284 10.40 2.34 23.66
C HIS C 284 9.19 3.28 23.78
N GLY C 285 9.27 4.26 24.65
CA GLY C 285 8.23 5.29 24.81
C GLY C 285 8.08 6.12 23.54
N ASN C 286 6.92 6.75 23.41
CA ASN C 286 6.57 7.58 22.23
C ASN C 286 7.51 8.77 22.12
N MET C 287 7.76 9.19 20.89
CA MET C 287 8.64 10.34 20.62
C MET C 287 8.21 11.56 21.42
N TYR C 288 6.92 11.86 21.56
CA TYR C 288 6.48 13.06 22.29
C TYR C 288 6.81 12.88 23.78
N ALA C 289 6.77 11.65 24.30
CA ALA C 289 7.18 11.38 25.70
C ALA C 289 8.68 11.72 25.84
N VAL C 290 9.48 11.32 24.84
CA VAL C 290 10.93 11.66 24.87
C VAL C 290 11.10 13.19 24.84
N ILE C 291 10.37 13.89 23.96
CA ILE C 291 10.53 15.37 23.88
C ILE C 291 10.13 16.02 25.22
N LYS C 292 9.03 15.58 25.85
CA LYS C 292 8.62 16.23 27.12
C LYS C 292 9.74 16.00 28.16
N ALA C 293 10.33 14.83 28.17
CA ALA C 293 11.42 14.54 29.14
C ALA C 293 12.66 15.39 28.82
N ILE C 294 12.97 15.59 27.55
CA ILE C 294 14.10 16.45 27.12
C ILE C 294 13.82 17.88 27.58
N LEU C 295 12.60 18.39 27.44
CA LEU C 295 12.31 19.78 27.84
C LEU C 295 12.39 19.92 29.36
N LYS C 296 12.13 18.87 30.12
CA LYS C 296 12.39 18.94 31.59
C LYS C 296 13.89 19.10 31.83
N ILE C 297 14.73 18.30 31.17
CA ILE C 297 16.22 18.35 31.36
C ILE C 297 16.75 19.70 30.90
N ASN C 298 16.43 20.12 29.68
CA ASN C 298 17.13 21.25 29.03
C ASN C 298 16.49 22.58 29.44
N GLU C 299 15.21 22.60 29.85
CA GLU C 299 14.49 23.88 30.07
C GLU C 299 13.77 23.92 31.42
N GLY C 300 13.75 22.82 32.16
CA GLY C 300 13.00 22.76 33.43
C GLY C 300 11.52 22.86 33.24
N LEU C 301 11.00 22.59 32.02
CA LEU C 301 9.55 22.66 31.80
C LEU C 301 8.91 21.33 32.25
N GLU C 302 7.73 21.44 32.84
CA GLU C 302 6.91 20.30 33.27
C GLU C 302 5.69 20.20 32.34
N LEU C 303 5.71 19.27 31.41
CA LEU C 303 4.61 19.10 30.42
C LEU C 303 3.80 17.87 30.76
N GLY C 304 4.20 17.08 31.76
CA GLY C 304 3.46 15.85 32.07
C GLY C 304 3.79 14.72 31.12
N ALA C 305 2.98 13.70 31.22
CA ALA C 305 3.12 12.42 30.51
C ALA C 305 2.63 12.57 29.07
N VAL C 306 2.58 11.46 28.35
CA VAL C 306 1.72 11.40 27.13
C VAL C 306 0.46 10.64 27.50
N ARG C 307 -0.62 10.94 26.78
CA ARG C 307 -1.91 10.30 27.07
C ARG C 307 -1.98 8.90 26.45
N GLU C 308 -2.42 7.93 27.23
CA GLU C 308 -2.65 6.55 26.73
C GLU C 308 -3.72 6.63 25.65
N PRO C 309 -3.59 5.91 24.52
CA PRO C 309 -2.62 4.81 24.35
C PRO C 309 -1.19 5.10 23.94
N LEU C 310 -0.79 6.36 23.83
CA LEU C 310 0.64 6.60 23.51
C LEU C 310 1.49 6.01 24.62
N PRO C 311 2.53 5.24 24.26
CA PRO C 311 3.33 4.57 25.29
C PRO C 311 4.27 5.50 26.04
N ALA C 312 4.30 5.30 27.36
CA ALA C 312 5.15 6.06 28.29
C ALA C 312 6.60 5.56 28.17
N LEU C 313 7.53 6.43 28.52
CA LEU C 313 8.95 6.01 28.65
C LEU C 313 9.05 4.89 29.70
N VAL C 314 10.00 4.02 29.48
CA VAL C 314 10.45 3.03 30.49
C VAL C 314 11.81 3.46 31.01
N ASP C 315 12.29 2.80 32.07
CA ASP C 315 13.56 3.22 32.71
C ASP C 315 14.71 3.21 31.71
N GLU C 316 14.76 2.21 30.85
CA GLU C 316 15.80 2.01 29.80
C GLU C 316 15.81 3.19 28.84
N ASP C 317 14.70 3.92 28.73
CA ASP C 317 14.67 5.05 27.77
C ASP C 317 15.40 6.28 28.31
N MET C 318 15.65 6.38 29.62
N MET C 318 15.64 6.38 29.62
CA MET C 318 16.18 7.65 30.17
CA MET C 318 16.17 7.65 30.15
C MET C 318 17.60 7.88 29.62
C MET C 318 17.60 7.88 29.62
N GLU C 319 18.37 6.84 29.29
CA GLU C 319 19.70 7.02 28.66
C GLU C 319 19.54 7.65 27.28
N ILE C 320 18.50 7.25 26.54
CA ILE C 320 18.23 7.79 25.18
C ILE C 320 17.79 9.26 25.32
N VAL C 321 16.91 9.55 26.27
CA VAL C 321 16.44 10.93 26.55
C VAL C 321 17.66 11.80 26.84
N LYS C 322 18.54 11.36 27.73
CA LYS C 322 19.70 12.18 28.12
C LYS C 322 20.64 12.39 26.95
N GLU C 323 20.85 11.34 26.12
CA GLU C 323 21.72 11.45 24.95
C GLU C 323 21.12 12.45 23.96
N ALA C 324 19.83 12.36 23.66
CA ALA C 324 19.20 13.30 22.71
C ALA C 324 19.23 14.71 23.27
N ALA C 325 18.98 14.89 24.56
CA ALA C 325 19.05 16.24 25.19
C ALA C 325 20.45 16.82 24.99
N GLN C 326 21.48 16.01 25.22
CA GLN C 326 22.88 16.47 25.04
C GLN C 326 23.15 16.75 23.57
N MET C 327 22.63 15.94 22.64
CA MET C 327 22.84 16.19 21.19
C MET C 327 22.28 17.56 20.80
N ILE C 328 21.14 17.92 21.36
CA ILE C 328 20.51 19.23 21.09
C ILE C 328 21.45 20.32 21.63
N CYS C 329 21.94 20.18 22.86
CA CYS C 329 22.84 21.22 23.44
C CYS C 329 24.08 21.35 22.56
N ASP C 330 24.65 20.20 22.14
CA ASP C 330 25.89 20.21 21.33
C ASP C 330 25.66 20.89 19.97
N ALA C 331 24.52 20.62 19.34
CA ALA C 331 24.19 21.23 18.04
C ALA C 331 24.00 22.74 18.22
N LYS C 332 23.33 23.16 19.27
CA LYS C 332 23.14 24.61 19.52
C LYS C 332 24.52 25.29 19.67
N LYS C 333 25.44 24.64 20.43
CA LYS C 333 26.77 25.26 20.62
C LYS C 333 27.47 25.38 19.27
N LYS C 334 27.33 24.36 18.41
CA LYS C 334 28.05 24.33 17.12
C LYS C 334 27.46 25.36 16.14
N PHE C 335 26.13 25.51 16.08
CA PHE C 335 25.48 26.20 14.94
C PHE C 335 24.96 27.61 15.26
N LEU C 336 24.75 27.98 16.52
CA LEU C 336 24.12 29.29 16.83
C LEU C 336 25.19 30.39 17.01
N MET D 32 -12.51 -26.49 28.24
CA MET D 32 -13.66 -26.50 27.27
C MET D 32 -14.54 -25.27 27.56
N ARG D 33 -13.96 -24.07 27.44
CA ARG D 33 -14.67 -22.79 27.47
C ARG D 33 -15.86 -22.86 26.50
N ASN D 34 -17.05 -22.43 26.93
CA ASN D 34 -18.28 -22.56 26.12
C ASN D 34 -18.51 -21.25 25.33
N LEU D 35 -18.34 -21.30 24.02
CA LEU D 35 -18.51 -20.12 23.15
C LEU D 35 -19.72 -20.30 22.25
N GLU D 36 -20.64 -21.23 22.57
CA GLU D 36 -21.80 -21.50 21.68
C GLU D 36 -22.62 -20.22 21.51
N LYS D 37 -22.68 -19.36 22.50
CA LYS D 37 -23.56 -18.16 22.43
C LYS D 37 -23.03 -17.17 21.37
N TYR D 38 -21.83 -17.37 20.87
CA TYR D 38 -21.24 -16.46 19.85
C TYR D 38 -21.32 -17.09 18.46
N LYS D 39 -21.80 -18.32 18.33
CA LYS D 39 -21.74 -19.04 17.05
C LYS D 39 -23.05 -18.80 16.29
N GLY D 40 -23.03 -17.93 15.32
CA GLY D 40 -24.21 -17.63 14.51
C GLY D 40 -24.07 -16.22 13.95
N VAL D 41 -25.19 -15.67 13.56
CA VAL D 41 -25.28 -14.38 12.83
C VAL D 41 -25.49 -13.27 13.85
N ILE D 42 -24.53 -12.37 13.95
CA ILE D 42 -24.53 -11.24 14.92
C ILE D 42 -24.43 -9.95 14.13
N PRO D 43 -25.58 -9.36 13.74
CA PRO D 43 -25.53 -8.09 13.04
C PRO D 43 -24.87 -6.98 13.86
N ALA D 44 -24.14 -6.10 13.17
CA ALA D 44 -23.77 -4.82 13.78
C ALA D 44 -25.04 -4.00 13.94
N PHE D 45 -25.18 -3.43 15.10
CA PHE D 45 -26.32 -2.55 15.47
C PHE D 45 -26.08 -1.16 14.94
N TYR D 46 -27.06 -0.60 14.23
CA TYR D 46 -26.92 0.73 13.61
C TYR D 46 -27.15 1.84 14.65
N ALA D 47 -26.61 3.00 14.36
CA ALA D 47 -26.88 4.22 15.13
C ALA D 47 -28.31 4.66 14.88
N CYS D 48 -29.08 4.88 15.95
CA CYS D 48 -30.50 5.28 15.87
C CYS D 48 -30.64 6.69 16.43
N TYR D 49 -30.95 7.65 15.58
CA TYR D 49 -31.03 9.06 15.99
C TYR D 49 -32.48 9.56 15.90
N ASP D 50 -32.71 10.60 16.71
CA ASP D 50 -33.96 11.38 16.64
C ASP D 50 -33.80 12.44 15.57
N LYS D 51 -34.82 13.30 15.43
CA LYS D 51 -34.84 14.30 14.34
C LYS D 51 -33.80 15.40 14.61
N GLU D 52 -33.35 15.58 15.86
CA GLU D 52 -32.33 16.58 16.25
C GLU D 52 -30.91 15.98 16.11
N GLY D 53 -30.80 14.70 15.75
CA GLY D 53 -29.52 14.00 15.54
C GLY D 53 -28.93 13.43 16.82
N ASN D 54 -29.68 13.41 17.93
CA ASN D 54 -29.17 12.77 19.16
C ASN D 54 -29.58 11.32 19.14
N ILE D 55 -29.02 10.50 20.01
CA ILE D 55 -29.42 9.09 20.14
C ILE D 55 -30.89 9.06 20.56
N SER D 56 -31.68 8.24 19.88
CA SER D 56 -33.12 8.04 20.19
C SER D 56 -33.29 6.77 21.02
N PRO D 57 -33.60 6.87 22.33
CA PRO D 57 -33.91 5.66 23.10
C PRO D 57 -35.02 4.81 22.47
N GLU D 58 -36.12 5.43 22.01
CA GLU D 58 -37.23 4.70 21.35
C GLU D 58 -36.75 4.03 20.06
N GLY D 59 -35.91 4.72 19.28
CA GLY D 59 -35.36 4.17 18.03
C GLY D 59 -34.48 2.98 18.30
N VAL D 60 -33.63 3.08 19.30
CA VAL D 60 -32.73 1.96 19.69
C VAL D 60 -33.58 0.76 20.12
N GLN D 61 -34.59 1.00 20.96
CA GLN D 61 -35.43 -0.12 21.44
C GLN D 61 -36.15 -0.75 20.24
N GLY D 62 -36.64 0.05 19.30
CA GLY D 62 -37.33 -0.44 18.10
C GLY D 62 -36.42 -1.36 17.29
N LEU D 63 -35.20 -0.91 17.03
CA LEU D 63 -34.27 -1.73 16.22
C LEU D 63 -33.88 -3.00 16.98
N THR D 64 -33.76 -2.93 18.30
CA THR D 64 -33.44 -4.12 19.10
C THR D 64 -34.59 -5.12 19.01
N LYS D 65 -35.84 -4.66 19.15
CA LYS D 65 -37.01 -5.57 19.03
C LYS D 65 -37.02 -6.24 17.67
N TYR D 66 -36.63 -5.50 16.63
CA TYR D 66 -36.52 -6.05 15.25
C TYR D 66 -35.55 -7.20 15.24
N PHE D 67 -34.36 -7.01 15.84
CA PHE D 67 -33.36 -8.11 15.81
C PHE D 67 -33.84 -9.32 16.64
N VAL D 68 -34.49 -9.08 17.78
CA VAL D 68 -35.10 -10.19 18.56
C VAL D 68 -36.10 -10.95 17.69
N LYS D 69 -37.01 -10.23 17.04
CA LYS D 69 -38.07 -10.85 16.21
C LYS D 69 -37.48 -11.64 15.03
N LYS D 70 -36.37 -11.21 14.47
CA LYS D 70 -35.74 -11.89 13.32
C LYS D 70 -34.95 -13.11 13.79
N GLY D 71 -34.71 -13.29 15.08
CA GLY D 71 -34.10 -14.52 15.60
C GLY D 71 -32.62 -14.61 15.26
N VAL D 72 -31.93 -13.49 15.22
CA VAL D 72 -30.45 -13.52 15.04
C VAL D 72 -29.83 -13.97 16.37
N LYS D 73 -28.55 -14.34 16.32
CA LYS D 73 -27.88 -14.90 17.52
C LYS D 73 -27.61 -13.80 18.54
N GLY D 74 -27.24 -12.64 18.07
CA GLY D 74 -26.84 -11.55 18.94
C GLY D 74 -26.70 -10.26 18.19
N VAL D 75 -26.29 -9.22 18.88
CA VAL D 75 -26.01 -7.91 18.23
C VAL D 75 -24.65 -7.41 18.70
N TYR D 76 -23.98 -6.71 17.77
CA TYR D 76 -22.65 -6.11 18.00
C TYR D 76 -22.87 -4.61 18.04
N VAL D 77 -22.75 -4.04 19.23
CA VAL D 77 -23.28 -2.68 19.51
C VAL D 77 -22.15 -1.66 19.55
N ASN D 78 -22.36 -0.51 18.94
CA ASN D 78 -21.43 0.64 18.94
C ASN D 78 -20.11 0.24 18.27
N GLY D 79 -20.18 -0.56 17.23
CA GLY D 79 -19.06 -0.73 16.30
C GLY D 79 -18.97 0.44 15.33
N SER D 80 -18.05 0.36 14.39
CA SER D 80 -17.97 1.44 13.37
C SER D 80 -19.21 1.44 12.51
N SER D 81 -19.86 0.29 12.27
CA SER D 81 -21.13 0.25 11.51
C SER D 81 -22.22 0.96 12.32
N GLY D 82 -22.07 1.05 13.64
CA GLY D 82 -22.91 1.82 14.56
C GLY D 82 -22.42 3.24 14.77
N GLU D 83 -21.54 3.71 13.89
CA GLU D 83 -21.05 5.10 13.87
C GLU D 83 -20.29 5.46 15.15
N CYS D 84 -19.62 4.50 15.76
CA CYS D 84 -18.95 4.76 17.06
C CYS D 84 -17.87 5.84 16.93
N ILE D 85 -17.17 5.90 15.80
CA ILE D 85 -16.12 6.93 15.56
C ILE D 85 -16.74 8.30 15.83
N TYR D 86 -18.03 8.48 15.51
CA TYR D 86 -18.71 9.78 15.52
C TYR D 86 -19.52 10.05 16.78
N GLN D 87 -19.46 9.15 17.75
CA GLN D 87 -20.31 9.25 18.97
C GLN D 87 -19.45 9.60 20.18
N SER D 88 -20.07 10.24 21.13
CA SER D 88 -19.47 10.47 22.46
C SER D 88 -19.63 9.24 23.35
N VAL D 89 -18.92 9.23 24.45
CA VAL D 89 -19.09 8.22 25.51
C VAL D 89 -20.54 8.22 25.94
N GLU D 90 -21.11 9.39 26.20
CA GLU D 90 -22.51 9.44 26.68
C GLU D 90 -23.46 8.85 25.63
N ASP D 91 -23.27 9.19 24.36
CA ASP D 91 -24.08 8.62 23.25
C ASP D 91 -24.03 7.09 23.34
N ARG D 92 -22.83 6.54 23.46
CA ARG D 92 -22.64 5.08 23.38
C ARG D 92 -23.25 4.41 24.64
N LYS D 93 -23.18 5.07 25.78
CA LYS D 93 -23.88 4.55 26.99
C LYS D 93 -25.38 4.50 26.77
N ILE D 94 -25.97 5.55 26.20
CA ILE D 94 -27.42 5.60 25.93
C ILE D 94 -27.81 4.49 24.96
N VAL D 95 -27.00 4.27 23.91
CA VAL D 95 -27.33 3.18 22.97
C VAL D 95 -27.34 1.86 23.73
N LEU D 96 -26.28 1.55 24.49
CA LEU D 96 -26.17 0.19 25.07
C LEU D 96 -27.25 0.01 26.13
N GLU D 97 -27.55 1.05 26.91
CA GLU D 97 -28.61 0.93 27.93
C GLU D 97 -29.93 0.53 27.27
N ASN D 98 -30.27 1.16 26.16
CA ASN D 98 -31.55 0.91 25.47
C ASN D 98 -31.52 -0.43 24.76
N VAL D 99 -30.39 -0.86 24.19
CA VAL D 99 -30.33 -2.23 23.65
C VAL D 99 -30.62 -3.22 24.78
N MET D 100 -29.92 -3.09 25.91
CA MET D 100 -29.97 -4.12 26.96
C MET D 100 -31.37 -4.19 27.55
N LYS D 101 -32.11 -3.08 27.57
CA LYS D 101 -33.51 -3.08 28.07
C LYS D 101 -34.36 -4.09 27.31
N VAL D 102 -34.16 -4.22 26.00
CA VAL D 102 -34.88 -5.18 25.15
C VAL D 102 -34.17 -6.52 25.01
N ALA D 103 -32.87 -6.51 24.84
CA ALA D 103 -32.13 -7.67 24.33
C ALA D 103 -31.69 -8.60 25.48
N GLU D 104 -31.55 -8.12 26.70
CA GLU D 104 -30.85 -8.93 27.74
C GLU D 104 -31.58 -10.27 27.94
N GLY D 105 -30.87 -11.39 27.84
CA GLY D 105 -31.45 -12.73 27.98
C GLY D 105 -32.16 -13.21 26.74
N LYS D 106 -32.18 -12.43 25.66
CA LYS D 106 -32.79 -12.83 24.36
C LYS D 106 -31.73 -12.98 23.27
N LEU D 107 -30.74 -12.12 23.30
CA LEU D 107 -29.67 -12.00 22.28
C LEU D 107 -28.34 -12.03 23.00
N THR D 108 -27.35 -12.60 22.37
CA THR D 108 -25.95 -12.36 22.84
C THR D 108 -25.62 -10.89 22.55
N VAL D 109 -25.04 -10.18 23.49
CA VAL D 109 -24.67 -8.76 23.26
C VAL D 109 -23.16 -8.61 23.38
N ILE D 110 -22.54 -8.13 22.31
CA ILE D 110 -21.11 -7.73 22.28
C ILE D 110 -21.09 -6.22 22.17
N ALA D 111 -20.48 -5.54 23.14
CA ALA D 111 -20.36 -4.08 23.14
C ALA D 111 -18.96 -3.68 22.70
N HIS D 112 -18.87 -3.05 21.54
CA HIS D 112 -17.59 -2.42 21.09
C HIS D 112 -17.39 -1.15 21.92
N VAL D 113 -16.29 -1.07 22.63
CA VAL D 113 -16.03 -0.02 23.63
C VAL D 113 -14.82 0.83 23.28
N ALA D 114 -14.09 0.52 22.20
CA ALA D 114 -12.88 1.30 21.88
C ALA D 114 -13.25 2.73 21.49
N CYS D 115 -12.50 3.67 22.05
CA CYS D 115 -12.51 5.10 21.74
C CYS D 115 -11.11 5.55 21.34
N ASN D 116 -10.97 6.80 20.93
CA ASN D 116 -9.65 7.30 20.50
C ASN D 116 -8.65 7.18 21.66
N ASN D 117 -9.02 7.55 22.86
CA ASN D 117 -8.11 7.39 24.02
C ASN D 117 -8.49 6.19 24.90
N THR D 118 -7.55 5.82 25.78
CA THR D 118 -7.72 4.66 26.65
C THR D 118 -8.78 4.98 27.72
N LYS D 119 -8.75 6.15 28.32
CA LYS D 119 -9.64 6.38 29.49
C LYS D 119 -11.12 6.34 29.10
N ASP D 120 -11.49 6.87 27.93
CA ASP D 120 -12.88 6.78 27.46
C ASP D 120 -13.22 5.31 27.19
N SER D 121 -12.28 4.55 26.65
CA SER D 121 -12.51 3.11 26.37
C SER D 121 -12.74 2.34 27.69
N GLN D 122 -11.94 2.64 28.72
CA GLN D 122 -12.09 2.00 30.04
C GLN D 122 -13.44 2.37 30.64
N GLU D 123 -13.88 3.63 30.48
CA GLU D 123 -15.20 4.06 31.02
C GLU D 123 -16.32 3.26 30.36
N LEU D 124 -16.27 3.07 29.04
CA LEU D 124 -17.29 2.29 28.35
C LEU D 124 -17.20 0.82 28.74
N ALA D 125 -16.00 0.27 28.93
CA ALA D 125 -15.86 -1.14 29.33
C ALA D 125 -16.52 -1.36 30.69
N ARG D 126 -16.23 -0.48 31.65
CA ARG D 126 -16.81 -0.60 33.02
C ARG D 126 -18.33 -0.51 32.93
N HIS D 127 -18.84 0.43 32.14
CA HIS D 127 -20.29 0.63 31.96
C HIS D 127 -20.91 -0.64 31.37
N ALA D 128 -20.28 -1.23 30.35
CA ALA D 128 -20.82 -2.41 29.67
C ALA D 128 -20.85 -3.60 30.63
N GLU D 129 -19.80 -3.80 31.43
CA GLU D 129 -19.79 -4.91 32.39
C GLU D 129 -20.90 -4.67 33.42
N GLY D 130 -21.11 -3.43 33.79
CA GLY D 130 -22.18 -3.10 34.76
C GLY D 130 -23.56 -3.47 34.22
N LEU D 131 -23.76 -3.45 32.91
CA LEU D 131 -25.04 -3.84 32.29
C LEU D 131 -25.11 -5.34 31.99
N GLY D 132 -24.02 -6.09 32.17
CA GLY D 132 -24.08 -7.55 31.96
C GLY D 132 -24.02 -7.95 30.52
N VAL D 133 -23.26 -7.23 29.69
CA VAL D 133 -23.04 -7.72 28.30
C VAL D 133 -22.30 -9.06 28.33
N ASP D 134 -22.42 -9.84 27.26
CA ASP D 134 -21.67 -11.10 27.10
C ASP D 134 -20.20 -10.81 26.86
N ALA D 135 -19.90 -9.85 25.98
CA ALA D 135 -18.50 -9.55 25.65
C ALA D 135 -18.35 -8.06 25.38
N ILE D 136 -17.16 -7.57 25.54
CA ILE D 136 -16.72 -6.28 25.00
C ILE D 136 -15.74 -6.53 23.87
N ALA D 137 -15.62 -5.51 23.01
CA ALA D 137 -14.77 -5.62 21.80
C ALA D 137 -13.99 -4.32 21.62
N ALA D 138 -12.88 -4.40 20.90
CA ALA D 138 -12.06 -3.19 20.62
C ALA D 138 -11.29 -3.34 19.33
N ILE D 139 -11.47 -2.35 18.47
CA ILE D 139 -10.51 -2.07 17.37
C ILE D 139 -9.18 -1.68 18.02
N PRO D 140 -8.09 -1.66 17.24
CA PRO D 140 -6.83 -1.15 17.74
C PRO D 140 -6.89 0.37 17.89
N PRO D 141 -5.86 0.97 18.49
CA PRO D 141 -5.64 2.42 18.37
C PRO D 141 -5.58 2.83 16.90
N ILE D 142 -6.11 4.01 16.61
CA ILE D 142 -6.24 4.49 15.21
C ILE D 142 -5.36 5.73 14.98
N TYR D 143 -5.31 6.16 13.72
CA TYR D 143 -4.61 7.38 13.26
C TYR D 143 -3.10 7.21 13.35
N PHE D 144 -2.50 7.33 14.52
CA PHE D 144 -1.08 7.00 14.68
C PHE D 144 -0.94 5.48 14.60
N HIS D 145 0.21 5.03 14.10
CA HIS D 145 0.47 3.58 14.02
C HIS D 145 1.32 3.23 15.25
N LEU D 146 0.73 2.66 16.26
CA LEU D 146 1.42 2.44 17.53
C LEU D 146 2.07 1.05 17.50
N PRO D 147 3.16 0.89 18.24
CA PRO D 147 3.85 -0.38 18.31
C PRO D 147 3.02 -1.44 19.01
N GLU D 148 3.36 -2.71 18.76
CA GLU D 148 2.51 -3.82 19.26
C GLU D 148 2.39 -3.76 20.78
N TYR D 149 3.44 -3.40 21.52
CA TYR D 149 3.33 -3.36 23.00
C TYR D 149 2.31 -2.30 23.43
N ALA D 150 2.17 -1.20 22.69
CA ALA D 150 1.20 -0.13 23.03
C ALA D 150 -0.20 -0.61 22.68
N ILE D 151 -0.34 -1.35 21.59
CA ILE D 151 -1.67 -1.91 21.21
C ILE D 151 -2.11 -2.89 22.30
N ALA D 152 -1.21 -3.79 22.73
CA ALA D 152 -1.56 -4.77 23.79
C ALA D 152 -1.92 -4.01 25.07
N GLN D 153 -1.16 -2.96 25.41
CA GLN D 153 -1.43 -2.19 26.66
C GLN D 153 -2.84 -1.58 26.58
N TYR D 154 -3.23 -1.06 25.41
CA TYR D 154 -4.56 -0.45 25.24
C TYR D 154 -5.64 -1.52 25.47
N TRP D 155 -5.56 -2.62 24.75
CA TRP D 155 -6.57 -3.71 24.89
C TRP D 155 -6.57 -4.24 26.34
N ASN D 156 -5.40 -4.46 26.93
CA ASN D 156 -5.36 -5.01 28.30
C ASN D 156 -5.94 -4.00 29.29
N ALA D 157 -5.74 -2.71 29.09
CA ALA D 157 -6.31 -1.68 29.99
C ALA D 157 -7.81 -1.68 29.86
N ILE D 158 -8.33 -1.81 28.64
CA ILE D 158 -9.79 -1.88 28.43
C ILE D 158 -10.33 -3.13 29.11
N SER D 159 -9.68 -4.28 28.90
CA SER D 159 -10.10 -5.56 29.51
C SER D 159 -10.08 -5.45 31.03
N ALA D 160 -9.08 -4.79 31.61
CA ALA D 160 -8.95 -4.70 33.09
C ALA D 160 -10.11 -3.88 33.67
N ALA D 161 -10.72 -2.99 32.89
CA ALA D 161 -11.86 -2.18 33.35
C ALA D 161 -13.15 -3.01 33.33
N ALA D 162 -13.16 -4.15 32.64
CA ALA D 162 -14.30 -5.11 32.58
C ALA D 162 -13.72 -6.49 32.86
N PRO D 163 -13.14 -6.70 34.06
CA PRO D 163 -12.30 -7.85 34.29
C PRO D 163 -13.02 -9.19 34.39
N ASN D 164 -14.35 -9.19 34.40
CA ASN D 164 -15.18 -10.42 34.44
C ASN D 164 -15.85 -10.62 33.08
N THR D 165 -15.43 -9.89 32.02
CA THR D 165 -16.15 -9.89 30.73
C THR D 165 -15.28 -10.44 29.61
N ASP D 166 -15.85 -11.34 28.79
CA ASP D 166 -15.21 -11.82 27.55
C ASP D 166 -14.75 -10.62 26.70
N PHE D 167 -13.63 -10.78 26.02
CA PHE D 167 -13.01 -9.70 25.22
C PHE D 167 -12.75 -10.23 23.81
N VAL D 168 -13.19 -9.46 22.82
CA VAL D 168 -13.00 -9.74 21.38
C VAL D 168 -12.14 -8.65 20.77
N ILE D 169 -11.06 -9.03 20.12
CA ILE D 169 -10.20 -8.09 19.36
C ILE D 169 -10.85 -7.91 17.99
N TYR D 170 -10.97 -6.67 17.54
CA TYR D 170 -11.53 -6.39 16.20
C TYR D 170 -10.38 -6.01 15.28
N ASN D 171 -10.04 -6.89 14.34
CA ASN D 171 -8.92 -6.71 13.40
C ASN D 171 -9.45 -6.04 12.13
N ILE D 172 -9.01 -4.83 11.84
N ILE D 172 -8.96 -4.86 11.79
CA ILE D 172 -9.49 -4.08 10.65
CA ILE D 172 -9.49 -4.06 10.66
C ILE D 172 -8.35 -3.19 10.15
C ILE D 172 -8.36 -3.19 10.11
N PRO D 173 -7.27 -3.82 9.64
CA PRO D 173 -6.05 -3.08 9.31
C PRO D 173 -6.27 -2.03 8.24
N GLN D 174 -7.22 -2.25 7.33
CA GLN D 174 -7.48 -1.32 6.20
C GLN D 174 -7.91 0.05 6.75
N LEU D 175 -8.60 0.08 7.89
CA LEU D 175 -9.12 1.35 8.48
C LEU D 175 -8.27 1.79 9.66
N ALA D 176 -7.88 0.88 10.54
CA ALA D 176 -7.11 1.26 11.75
C ALA D 176 -5.67 1.62 11.39
N GLY D 177 -5.10 0.99 10.37
CA GLY D 177 -3.73 1.25 9.92
C GLY D 177 -2.70 0.35 10.56
N VAL D 178 -3.13 -0.48 11.51
CA VAL D 178 -2.27 -1.49 12.17
C VAL D 178 -3.06 -2.80 12.15
N ALA D 179 -2.32 -3.91 12.15
CA ALA D 179 -2.90 -5.28 12.12
C ALA D 179 -2.67 -6.00 13.42
N LEU D 180 -3.58 -6.94 13.70
CA LEU D 180 -3.33 -7.99 14.69
C LEU D 180 -2.39 -9.00 14.03
N THR D 181 -1.13 -8.93 14.39
CA THR D 181 -0.11 -9.89 13.89
C THR D 181 -0.19 -11.18 14.69
N GLN D 182 0.44 -12.23 14.18
CA GLN D 182 0.45 -13.50 14.96
C GLN D 182 1.16 -13.28 16.30
N ASN D 183 2.24 -12.50 16.38
CA ASN D 183 2.95 -12.25 17.66
C ASN D 183 2.07 -11.45 18.63
N LEU D 184 1.35 -10.45 18.14
CA LEU D 184 0.47 -9.66 19.04
C LEU D 184 -0.67 -10.55 19.53
N PHE D 185 -1.16 -11.47 18.69
CA PHE D 185 -2.23 -12.37 19.15
C PHE D 185 -1.70 -13.32 20.22
N VAL D 186 -0.47 -13.84 20.05
CA VAL D 186 0.15 -14.66 21.13
C VAL D 186 0.11 -13.87 22.45
N GLU D 187 0.56 -12.62 22.41
CA GLU D 187 0.61 -11.82 23.65
C GLU D 187 -0.80 -11.64 24.22
N MET D 188 -1.80 -11.39 23.35
CA MET D 188 -3.15 -11.14 23.86
C MET D 188 -3.78 -12.43 24.43
N ARG D 189 -3.36 -13.61 23.98
CA ARG D 189 -3.96 -14.87 24.48
C ARG D 189 -3.46 -15.16 25.91
N LYS D 190 -2.49 -14.40 26.39
CA LYS D 190 -2.08 -14.43 27.82
C LYS D 190 -3.15 -13.84 28.72
N ASN D 191 -4.05 -13.03 28.18
CA ASN D 191 -5.20 -12.48 28.90
C ASN D 191 -6.31 -13.50 28.83
N PRO D 192 -6.73 -14.11 29.95
CA PRO D 192 -7.69 -15.22 29.87
C PRO D 192 -9.07 -14.77 29.42
N ASN D 193 -9.36 -13.47 29.49
CA ASN D 193 -10.70 -12.97 29.07
C ASN D 193 -10.78 -12.91 27.54
N VAL D 194 -9.65 -12.89 26.82
CA VAL D 194 -9.72 -12.83 25.33
C VAL D 194 -10.33 -14.15 24.82
N ILE D 195 -11.40 -14.05 24.04
CA ILE D 195 -12.13 -15.22 23.51
C ILE D 195 -11.90 -15.34 22.01
N GLY D 196 -11.29 -14.35 21.37
CA GLY D 196 -11.07 -14.48 19.92
C GLY D 196 -11.02 -13.15 19.22
N VAL D 197 -11.35 -13.20 17.94
CA VAL D 197 -11.02 -12.11 16.98
C VAL D 197 -12.19 -11.96 16.03
N ALA D 198 -12.69 -10.74 15.87
CA ALA D 198 -13.58 -10.39 14.75
C ALA D 198 -12.70 -9.89 13.61
N ASN D 199 -12.60 -10.69 12.56
CA ASN D 199 -11.61 -10.41 11.51
C ASN D 199 -12.26 -9.74 10.31
N SER D 200 -11.84 -8.49 10.04
CA SER D 200 -12.37 -7.73 8.89
C SER D 200 -11.26 -7.42 7.87
N SER D 201 -10.05 -7.98 8.02
CA SER D 201 -9.08 -8.00 6.92
C SER D 201 -9.69 -8.83 5.79
N MET D 202 -9.22 -8.60 4.56
CA MET D 202 -9.83 -9.33 3.41
C MET D 202 -9.35 -10.77 3.25
N PRO D 203 -8.09 -11.16 3.58
CA PRO D 203 -7.70 -12.55 3.33
C PRO D 203 -8.43 -13.51 4.28
N VAL D 204 -9.14 -14.50 3.76
CA VAL D 204 -9.69 -15.58 4.66
C VAL D 204 -8.52 -16.36 5.24
N GLN D 205 -7.35 -16.31 4.62
CA GLN D 205 -6.13 -16.90 5.22
C GLN D 205 -5.95 -16.36 6.64
N ASP D 206 -6.27 -15.09 6.91
CA ASP D 206 -6.06 -14.51 8.26
C ASP D 206 -6.97 -15.24 9.26
N ILE D 207 -8.23 -15.51 8.89
CA ILE D 207 -9.16 -16.33 9.73
C ILE D 207 -8.50 -17.67 10.04
N GLN D 208 -8.04 -18.35 9.00
CA GLN D 208 -7.44 -19.69 9.13
C GLN D 208 -6.26 -19.63 10.08
N MET D 209 -5.38 -18.64 9.92
CA MET D 209 -4.15 -18.59 10.72
C MET D 209 -4.49 -18.25 12.17
N PHE D 210 -5.42 -17.34 12.41
CA PHE D 210 -5.79 -17.00 13.79
C PHE D 210 -6.42 -18.23 14.46
N LYS D 211 -7.30 -18.94 13.75
CA LYS D 211 -8.01 -20.11 14.34
C LYS D 211 -7.00 -21.23 14.60
N GLN D 212 -6.12 -21.48 13.63
CA GLN D 212 -5.08 -22.53 13.77
C GLN D 212 -4.21 -22.22 14.97
N ALA D 213 -3.77 -20.98 15.12
CA ALA D 213 -2.85 -20.59 16.22
C ALA D 213 -3.57 -20.72 17.56
N ALA D 214 -4.82 -20.32 17.64
CA ALA D 214 -5.55 -20.19 18.94
C ALA D 214 -6.13 -21.54 19.40
N GLY D 215 -6.69 -22.31 18.49
CA GLY D 215 -7.28 -23.63 18.77
C GLY D 215 -8.71 -23.55 19.27
N ALA D 216 -9.16 -24.59 19.99
CA ALA D 216 -10.62 -24.83 20.14
C ALA D 216 -11.27 -23.87 21.13
N GLU D 217 -10.52 -23.23 22.03
CA GLU D 217 -11.06 -22.38 23.11
C GLU D 217 -11.25 -20.94 22.64
N TYR D 218 -11.12 -20.68 21.33
CA TYR D 218 -11.27 -19.31 20.76
C TYR D 218 -12.26 -19.38 19.61
N ILE D 219 -12.85 -18.25 19.32
CA ILE D 219 -13.75 -18.10 18.16
C ILE D 219 -13.23 -16.96 17.28
N ILE D 220 -13.31 -17.18 15.98
CA ILE D 220 -13.05 -16.13 14.98
C ILE D 220 -14.39 -15.77 14.35
N PHE D 221 -14.68 -14.49 14.28
CA PHE D 221 -15.89 -14.00 13.59
C PHE D 221 -15.52 -13.52 12.19
N ASN D 222 -16.29 -13.93 11.19
CA ASN D 222 -16.11 -13.37 9.84
C ASN D 222 -16.64 -11.95 9.79
N GLY D 223 -15.80 -11.00 9.39
CA GLY D 223 -16.17 -9.59 9.23
C GLY D 223 -16.60 -9.16 7.82
N PRO D 224 -15.96 -9.60 6.72
CA PRO D 224 -16.34 -9.13 5.36
C PRO D 224 -17.60 -9.86 4.89
N ASP D 225 -18.73 -9.14 4.89
CA ASP D 225 -20.01 -9.81 4.62
C ASP D 225 -20.03 -10.48 3.24
N GLU D 226 -19.34 -9.87 2.28
CA GLU D 226 -19.25 -10.37 0.89
C GLU D 226 -18.53 -11.71 0.81
N GLN D 227 -17.84 -12.11 1.86
CA GLN D 227 -17.06 -13.37 1.92
C GLN D 227 -17.61 -14.28 3.03
N PHE D 228 -18.82 -14.02 3.53
CA PHE D 228 -19.44 -14.77 4.65
C PHE D 228 -19.20 -16.27 4.50
N MET D 229 -19.63 -16.86 3.38
CA MET D 229 -19.58 -18.34 3.28
C MET D 229 -18.15 -18.84 3.28
N SER D 230 -17.22 -18.07 2.69
CA SER D 230 -15.80 -18.46 2.56
C SER D 230 -15.13 -18.40 3.92
N GLY D 231 -15.35 -17.33 4.69
CA GLY D 231 -14.76 -17.22 6.04
C GLY D 231 -15.33 -18.28 6.96
N ARG D 232 -16.63 -18.55 6.86
CA ARG D 232 -17.29 -19.59 7.70
C ARG D 232 -16.63 -20.95 7.43
N VAL D 233 -16.50 -21.34 6.17
CA VAL D 233 -16.03 -22.73 5.91
C VAL D 233 -14.59 -22.90 6.35
N ILE D 234 -13.76 -21.84 6.35
CA ILE D 234 -12.33 -22.01 6.67
C ILE D 234 -12.10 -21.87 8.16
N GLY D 235 -13.15 -21.62 8.97
CA GLY D 235 -13.02 -21.84 10.43
C GLY D 235 -13.57 -20.72 11.30
N ALA D 236 -14.18 -19.70 10.71
CA ALA D 236 -14.90 -18.68 11.50
C ALA D 236 -16.21 -19.32 11.95
N GLU D 237 -16.45 -19.45 13.25
CA GLU D 237 -17.70 -20.05 13.73
C GLU D 237 -18.72 -18.97 14.09
N GLY D 238 -18.29 -17.70 14.04
CA GLY D 238 -19.20 -16.57 14.20
C GLY D 238 -19.11 -15.63 13.02
N ALA D 239 -19.99 -14.66 12.99
CA ALA D 239 -20.11 -13.72 11.86
C ALA D 239 -20.70 -12.42 12.34
N ILE D 240 -19.97 -11.32 12.20
CA ILE D 240 -20.42 -9.96 12.59
C ILE D 240 -20.36 -9.09 11.33
N GLY D 241 -21.45 -8.45 10.97
CA GLY D 241 -21.55 -7.78 9.68
C GLY D 241 -22.40 -6.53 9.70
N GLY D 242 -21.94 -5.51 9.01
CA GLY D 242 -22.67 -4.24 8.91
C GLY D 242 -23.84 -4.29 7.96
N THR D 243 -23.95 -5.28 7.05
CA THR D 243 -25.11 -5.30 6.11
C THR D 243 -26.17 -6.25 6.63
N TYR D 244 -25.92 -7.01 7.68
CA TYR D 244 -26.85 -8.08 8.10
C TYR D 244 -28.20 -7.47 8.48
N GLY D 245 -28.20 -6.29 9.11
CA GLY D 245 -29.46 -5.66 9.55
C GLY D 245 -30.38 -5.31 8.40
N ALA D 246 -29.88 -5.16 7.17
CA ALA D 246 -30.75 -4.87 6.02
C ALA D 246 -31.54 -6.13 5.63
N MET D 247 -31.05 -7.31 5.96
CA MET D 247 -31.58 -8.58 5.39
C MET D 247 -31.20 -9.77 6.27
N PRO D 248 -31.53 -9.74 7.57
CA PRO D 248 -31.00 -10.74 8.51
C PRO D 248 -31.44 -12.17 8.17
N GLU D 249 -32.64 -12.32 7.63
CA GLU D 249 -33.15 -13.67 7.30
C GLU D 249 -32.29 -14.28 6.22
N LEU D 250 -31.71 -13.48 5.29
CA LEU D 250 -30.89 -14.06 4.21
C LEU D 250 -29.60 -14.60 4.81
N TYR D 251 -28.97 -13.86 5.73
CA TYR D 251 -27.73 -14.38 6.36
C TYR D 251 -28.05 -15.59 7.23
N LEU D 252 -29.18 -15.60 7.95
CA LEU D 252 -29.55 -16.81 8.74
C LEU D 252 -29.72 -18.00 7.81
N LYS D 253 -30.35 -17.80 6.65
CA LYS D 253 -30.59 -18.90 5.70
C LYS D 253 -29.25 -19.36 5.12
N LEU D 254 -28.37 -18.41 4.79
CA LEU D 254 -27.01 -18.73 4.30
C LEU D 254 -26.31 -19.61 5.33
N ASP D 255 -26.36 -19.22 6.59
CA ASP D 255 -25.67 -19.96 7.67
C ASP D 255 -26.28 -21.36 7.80
N GLU D 256 -27.61 -21.46 7.71
CA GLU D 256 -28.29 -22.78 7.76
C GLU D 256 -27.79 -23.65 6.62
N CYS D 257 -27.68 -23.11 5.40
CA CYS D 257 -27.17 -23.89 4.25
C CYS D 257 -25.74 -24.35 4.53
N ILE D 258 -24.87 -23.45 5.01
CA ILE D 258 -23.46 -23.82 5.29
C ILE D 258 -23.41 -24.95 6.32
N ASN D 259 -24.18 -24.86 7.39
CA ASN D 259 -24.13 -25.86 8.47
C ASN D 259 -24.66 -27.19 7.94
N ALA D 260 -25.50 -27.18 6.91
CA ALA D 260 -26.07 -28.41 6.29
C ALA D 260 -25.17 -28.94 5.16
N GLY D 261 -24.09 -28.26 4.82
CA GLY D 261 -23.22 -28.65 3.69
C GLY D 261 -23.86 -28.41 2.35
N LYS D 262 -24.88 -27.55 2.27
CA LYS D 262 -25.59 -27.23 1.01
C LYS D 262 -24.91 -26.04 0.35
N MET D 263 -23.77 -26.29 -0.27
N MET D 263 -23.79 -26.29 -0.31
CA MET D 263 -22.86 -25.20 -0.76
CA MET D 263 -22.90 -25.18 -0.74
C MET D 263 -23.45 -24.54 -2.00
C MET D 263 -23.41 -24.55 -2.04
N THR D 264 -24.22 -25.24 -2.83
CA THR D 264 -24.82 -24.65 -4.05
C THR D 264 -25.85 -23.62 -3.61
N GLU D 265 -26.72 -24.01 -2.69
CA GLU D 265 -27.75 -23.08 -2.19
C GLU D 265 -27.07 -21.92 -1.46
N ALA D 266 -26.06 -22.20 -0.65
CA ALA D 266 -25.28 -21.16 0.05
C ALA D 266 -24.75 -20.15 -0.97
N ARG D 267 -24.14 -20.63 -2.05
CA ARG D 267 -23.57 -19.72 -3.06
C ARG D 267 -24.64 -18.85 -3.68
N LYS D 268 -25.82 -19.41 -3.97
CA LYS D 268 -26.92 -18.61 -4.57
C LYS D 268 -27.27 -17.46 -3.61
N ILE D 269 -27.37 -17.75 -2.30
CA ILE D 269 -27.78 -16.71 -1.34
C ILE D 269 -26.64 -15.68 -1.24
N GLN D 270 -25.40 -16.16 -1.09
CA GLN D 270 -24.24 -15.23 -1.03
C GLN D 270 -24.24 -14.31 -2.24
N TYR D 271 -24.47 -14.83 -3.44
CA TYR D 271 -24.45 -13.98 -4.66
C TYR D 271 -25.58 -12.95 -4.59
N ALA D 272 -26.76 -13.35 -4.10
CA ALA D 272 -27.89 -12.42 -4.00
C ALA D 272 -27.58 -11.33 -2.97
N CYS D 273 -27.01 -11.72 -1.83
CA CYS D 273 -26.62 -10.75 -0.79
C CYS D 273 -25.59 -9.79 -1.36
N ASN D 274 -24.60 -10.30 -2.09
CA ASN D 274 -23.50 -9.42 -2.55
C ASN D 274 -24.07 -8.44 -3.59
N GLU D 275 -24.97 -8.89 -4.49
CA GLU D 275 -25.58 -7.99 -5.48
C GLU D 275 -26.28 -6.84 -4.72
N ILE D 276 -26.99 -7.16 -3.66
CA ILE D 276 -27.68 -6.13 -2.83
C ILE D 276 -26.63 -5.19 -2.25
N ILE D 277 -25.55 -5.71 -1.66
CA ILE D 277 -24.49 -4.84 -1.09
C ILE D 277 -23.97 -3.89 -2.16
N TYR D 278 -23.67 -4.42 -3.36
CA TYR D 278 -23.07 -3.58 -4.42
C TYR D 278 -24.08 -2.49 -4.81
N LYS D 279 -25.37 -2.83 -4.85
CA LYS D 279 -26.43 -1.84 -5.14
C LYS D 279 -26.43 -0.76 -4.04
N MET D 280 -26.44 -1.15 -2.79
CA MET D 280 -26.48 -0.18 -1.69
C MET D 280 -25.24 0.72 -1.73
N CYS D 281 -24.11 0.19 -2.15
CA CYS D 281 -22.84 0.96 -2.17
C CYS D 281 -22.76 1.88 -3.39
N SER D 282 -23.70 1.80 -4.31
CA SER D 282 -23.69 2.56 -5.58
C SER D 282 -24.27 3.97 -5.36
N ALA D 283 -24.88 4.25 -4.22
CA ALA D 283 -25.48 5.55 -3.90
C ALA D 283 -24.42 6.64 -3.67
N HIS D 284 -24.83 7.89 -3.84
CA HIS D 284 -24.05 9.08 -3.41
C HIS D 284 -23.92 9.10 -1.88
N GLY D 285 -25.05 8.97 -1.19
CA GLY D 285 -25.07 8.85 0.28
C GLY D 285 -24.37 7.58 0.75
N ASN D 286 -23.98 7.61 2.02
CA ASN D 286 -23.25 6.52 2.66
C ASN D 286 -24.11 5.23 2.66
N MET D 287 -23.46 4.08 2.63
CA MET D 287 -24.17 2.78 2.62
C MET D 287 -25.09 2.68 3.84
N TYR D 288 -24.67 3.13 5.03
CA TYR D 288 -25.54 3.02 6.21
C TYR D 288 -26.75 3.95 6.05
N ALA D 289 -26.61 5.07 5.37
CA ALA D 289 -27.79 5.95 5.07
C ALA D 289 -28.77 5.17 4.18
N VAL D 290 -28.24 4.44 3.19
CA VAL D 290 -29.08 3.59 2.30
C VAL D 290 -29.81 2.54 3.15
N ILE D 291 -29.09 1.88 4.07
CA ILE D 291 -29.71 0.80 4.88
C ILE D 291 -30.81 1.41 5.76
N LYS D 292 -30.57 2.57 6.38
CA LYS D 292 -31.62 3.14 7.27
C LYS D 292 -32.86 3.45 6.44
N ALA D 293 -32.67 3.94 5.21
CA ALA D 293 -33.83 4.26 4.34
C ALA D 293 -34.54 2.96 3.92
N ILE D 294 -33.78 1.90 3.63
CA ILE D 294 -34.39 0.57 3.30
C ILE D 294 -35.21 0.09 4.48
N LEU D 295 -34.71 0.21 5.70
CA LEU D 295 -35.44 -0.30 6.88
C LEU D 295 -36.73 0.49 7.10
N LYS D 296 -36.78 1.75 6.71
CA LYS D 296 -38.07 2.49 6.77
C LYS D 296 -39.04 1.85 5.75
N ILE D 297 -38.60 1.61 4.51
CA ILE D 297 -39.47 1.05 3.45
C ILE D 297 -39.92 -0.36 3.82
N ASN D 298 -39.00 -1.22 4.23
CA ASN D 298 -39.29 -2.66 4.37
C ASN D 298 -39.86 -2.98 5.75
N GLU D 299 -39.58 -2.18 6.78
CA GLU D 299 -39.95 -2.56 8.19
C GLU D 299 -40.65 -1.43 8.93
N GLY D 300 -40.73 -0.23 8.38
CA GLY D 300 -41.30 0.93 9.05
C GLY D 300 -40.43 1.37 10.22
N LEU D 301 -39.16 1.02 10.25
CA LEU D 301 -38.24 1.50 11.30
C LEU D 301 -37.75 2.90 10.95
N GLU D 302 -37.67 3.79 11.95
N GLU D 302 -37.72 3.77 11.97
CA GLU D 302 -37.21 5.18 11.80
CA GLU D 302 -37.12 5.12 11.89
C GLU D 302 -35.89 5.29 12.57
C GLU D 302 -35.80 5.09 12.65
N LEU D 303 -34.73 5.18 11.90
CA LEU D 303 -33.41 5.18 12.54
C LEU D 303 -32.72 6.55 12.42
N GLY D 304 -33.33 7.49 11.73
CA GLY D 304 -32.75 8.82 11.53
C GLY D 304 -31.66 8.79 10.46
N ALA D 305 -30.91 9.87 10.46
CA ALA D 305 -29.87 10.18 9.47
C ALA D 305 -28.61 9.36 9.78
N VAL D 306 -27.57 9.60 8.99
CA VAL D 306 -26.21 9.23 9.44
C VAL D 306 -25.54 10.50 9.96
N ARG D 307 -24.62 10.33 10.89
CA ARG D 307 -23.94 11.47 11.50
C ARG D 307 -22.83 12.01 10.58
N GLU D 308 -22.82 13.32 10.39
N GLU D 308 -22.83 13.32 10.42
CA GLU D 308 -21.75 13.99 9.63
CA GLU D 308 -21.75 14.03 9.69
C GLU D 308 -20.42 13.76 10.35
C GLU D 308 -20.41 13.76 10.38
N PRO D 309 -19.31 13.44 9.65
CA PRO D 309 -19.21 13.62 8.19
C PRO D 309 -19.70 12.56 7.22
N LEU D 310 -20.35 11.51 7.69
CA LEU D 310 -20.90 10.54 6.73
C LEU D 310 -21.88 11.28 5.84
N PRO D 311 -21.82 11.08 4.52
CA PRO D 311 -22.72 11.79 3.62
C PRO D 311 -24.14 11.23 3.58
N ALA D 312 -25.09 12.17 3.61
CA ALA D 312 -26.53 11.84 3.58
C ALA D 312 -26.96 11.47 2.16
N LEU D 313 -28.04 10.70 2.08
CA LEU D 313 -28.68 10.46 0.77
C LEU D 313 -29.06 11.77 0.11
N VAL D 314 -29.00 11.79 -1.22
CA VAL D 314 -29.59 12.88 -2.04
C VAL D 314 -30.86 12.34 -2.72
N ASP D 315 -31.63 13.21 -3.35
CA ASP D 315 -32.92 12.79 -3.95
C ASP D 315 -32.70 11.66 -4.96
N GLU D 316 -31.62 11.74 -5.75
CA GLU D 316 -31.27 10.79 -6.84
C GLU D 316 -31.02 9.41 -6.22
N ASP D 317 -30.69 9.33 -4.95
CA ASP D 317 -30.42 8.00 -4.33
C ASP D 317 -31.69 7.21 -4.05
N MET D 318 -32.86 7.87 -4.02
CA MET D 318 -34.07 7.13 -3.56
C MET D 318 -34.42 6.03 -4.58
N GLU D 319 -34.08 6.13 -5.86
CA GLU D 319 -34.36 5.03 -6.82
C GLU D 319 -33.48 3.82 -6.46
N ILE D 320 -32.25 4.06 -6.03
CA ILE D 320 -31.32 2.99 -5.59
C ILE D 320 -31.85 2.35 -4.31
N VAL D 321 -32.29 3.16 -3.33
CA VAL D 321 -32.90 2.65 -2.08
C VAL D 321 -34.08 1.75 -2.42
N LYS D 322 -35.00 2.22 -3.27
CA LYS D 322 -36.20 1.45 -3.58
C LYS D 322 -35.84 0.14 -4.30
N GLU D 323 -34.88 0.19 -5.21
CA GLU D 323 -34.45 -1.01 -5.96
C GLU D 323 -33.82 -2.01 -4.98
N ALA D 324 -32.92 -1.57 -4.12
CA ALA D 324 -32.28 -2.48 -3.14
C ALA D 324 -33.32 -3.09 -2.21
N ALA D 325 -34.28 -2.29 -1.76
CA ALA D 325 -35.32 -2.78 -0.82
C ALA D 325 -36.10 -3.87 -1.53
N GLN D 326 -36.45 -3.67 -2.81
CA GLN D 326 -37.20 -4.70 -3.57
C GLN D 326 -36.32 -5.95 -3.79
N MET D 327 -35.02 -5.77 -4.05
CA MET D 327 -34.11 -6.93 -4.22
C MET D 327 -34.13 -7.80 -2.96
N ILE D 328 -34.12 -7.16 -1.80
CA ILE D 328 -34.15 -7.88 -0.50
C ILE D 328 -35.45 -8.66 -0.41
N CYS D 329 -36.59 -8.02 -0.69
CA CYS D 329 -37.91 -8.70 -0.58
C CYS D 329 -37.91 -9.89 -1.54
N ASP D 330 -37.39 -9.71 -2.75
CA ASP D 330 -37.42 -10.78 -3.78
C ASP D 330 -36.53 -11.93 -3.37
N ALA D 331 -35.35 -11.65 -2.78
CA ALA D 331 -34.45 -12.71 -2.32
C ALA D 331 -35.12 -13.50 -1.19
N LYS D 332 -35.79 -12.82 -0.29
CA LYS D 332 -36.49 -13.52 0.82
C LYS D 332 -37.55 -14.45 0.25
N LYS D 333 -38.31 -13.98 -0.74
CA LYS D 333 -39.37 -14.84 -1.33
C LYS D 333 -38.73 -16.02 -2.03
N LYS D 334 -37.57 -15.85 -2.65
CA LYS D 334 -36.91 -16.93 -3.38
C LYS D 334 -36.30 -17.96 -2.43
N PHE D 335 -35.67 -17.52 -1.34
CA PHE D 335 -34.75 -18.40 -0.57
C PHE D 335 -35.30 -18.89 0.76
N LEU D 336 -36.36 -18.28 1.31
N LEU D 336 -36.28 -18.19 1.36
CA LEU D 336 -36.85 -18.68 2.66
CA LEU D 336 -36.76 -18.52 2.72
C LEU D 336 -37.97 -19.71 2.52
C LEU D 336 -37.88 -19.58 2.63
C TRS E . 9.88 10.12 -14.22
C1 TRS E . 9.76 9.99 -15.74
C2 TRS E . 10.54 11.44 -13.87
C3 TRS E . 8.52 9.99 -13.56
N TRS E . 10.76 8.99 -13.76
O1 TRS E . 11.04 9.79 -16.30
O2 TRS E . 10.84 11.49 -12.50
O3 TRS E . 7.66 11.08 -13.92
C1 GOL F . 5.50 7.20 -16.60
O1 GOL F . 5.93 8.56 -16.45
C2 GOL F . 6.51 6.32 -17.34
O2 GOL F . 7.58 5.95 -16.48
C3 GOL F . 5.89 5.04 -17.88
O3 GOL F . 6.85 4.15 -18.47
C1 PEG G . 8.25 31.09 -2.82
O1 PEG G . 8.91 29.99 -2.29
C2 PEG G . 7.12 30.63 -3.64
O2 PEG G . 7.64 30.00 -4.81
C3 PEG G . 6.67 29.71 -5.79
C4 PEG G . 7.34 29.10 -6.98
O4 PEG G . 7.93 30.04 -7.82
C1 GOL H . 34.40 0.99 -30.30
O1 GOL H . 35.23 2.07 -29.86
C2 GOL H . 33.85 0.18 -29.14
O2 GOL H . 33.89 0.96 -27.94
C3 GOL H . 32.46 -0.35 -29.35
O3 GOL H . 32.45 -1.65 -29.96
N1 BCN I . 23.57 34.40 -3.21
C1 BCN I . 24.48 34.30 -2.03
C2 BCN I . 24.92 32.89 -1.59
O21 BCN I . 24.33 31.91 -2.10
O22 BCN I . 25.83 32.80 -0.73
C3 BCN I . 22.25 33.76 -3.05
C4 BCN I . 21.11 34.61 -3.54
O4 BCN I . 20.01 34.58 -2.63
C5 BCN I . 24.23 34.20 -4.51
C6 BCN I . 24.07 35.39 -5.44
O6 BCN I . 22.73 35.53 -5.87
C1 GOL J . 4.06 -4.55 -6.58
O1 GOL J . 4.65 -5.23 -5.48
C2 GOL J . 4.73 -3.23 -6.85
O2 GOL J . 4.22 -2.69 -8.07
C3 GOL J . 4.53 -2.20 -5.75
O3 GOL J . 5.74 -1.96 -5.04
MG MG K . 2.06 4.38 -20.20
C TRS L . 1.83 -19.57 -2.93
C1 TRS L . 3.12 -20.35 -3.17
C2 TRS L . 0.69 -20.52 -2.59
C3 TRS L . 2.02 -18.51 -1.86
N TRS L . 1.48 -18.87 -4.23
O1 TRS L . 3.00 -21.31 -4.21
O2 TRS L . -0.55 -19.86 -2.62
O3 TRS L . 2.19 -19.11 -0.58
C1 GOL M . 7.02 -17.51 -1.63
O1 GOL M . 6.02 -18.45 -1.22
C2 GOL M . 7.48 -17.74 -3.06
O2 GOL M . 6.38 -17.46 -3.92
C3 GOL M . 8.68 -16.90 -3.47
O3 GOL M . 9.13 -17.20 -4.79
MG MG N . 12.65 -16.38 -1.28
C TRS O . 7.34 13.83 12.79
C1 TRS O . 8.36 14.83 12.27
C2 TRS O . 7.63 12.45 12.21
C3 TRS O . 7.40 13.79 14.30
N TRS O . 5.95 14.29 12.41
O1 TRS O . 8.26 14.95 10.87
O2 TRS O . 8.94 12.02 12.54
O3 TRS O . 7.06 15.05 14.83
C1 GOL P . 6.03 9.05 16.02
O1 GOL P . 7.05 9.81 15.35
C2 GOL P . 4.91 9.94 16.56
O2 GOL P . 4.38 10.71 15.47
C3 GOL P . 3.76 9.23 17.25
O3 GOL P . 3.68 7.83 16.98
MG MG Q . 4.87 5.30 19.77
C TRS R . -19.08 -3.89 4.82
C1 TRS R . -18.20 -3.52 3.64
C2 TRS R . -20.21 -2.92 5.00
C3 TRS R . -19.65 -5.31 4.68
N TRS R . -18.25 -3.82 6.09
O1 TRS R . -18.94 -3.49 2.43
O2 TRS R . -20.87 -3.22 6.22
O3 TRS R . -18.60 -6.24 4.60
C1 GOL S . -18.65 3.68 4.63
O1 GOL S . -18.87 3.85 6.02
C2 GOL S . -18.33 2.25 4.23
O2 GOL S . -18.61 1.36 5.30
C3 GOL S . -19.04 1.78 2.97
O3 GOL S . -19.15 0.37 2.88
C1 PEG T . -37.18 -15.40 27.16
O1 PEG T . -37.29 -15.42 25.75
C2 PEG T . -35.78 -15.15 27.59
O2 PEG T . -35.71 -14.30 28.74
C3 PEG T . -35.95 -12.94 28.42
C4 PEG T . -35.90 -12.12 29.63
O4 PEG T . -37.13 -11.44 29.86
C1 PEG U . -23.45 -19.50 -8.18
O1 PEG U . -24.51 -18.63 -7.89
C2 PEG U . -22.75 -19.15 -9.45
O2 PEG U . -21.43 -19.67 -9.47
C3 PEG U . -21.35 -21.06 -9.23
C4 PEG U . -20.10 -21.69 -9.79
O4 PEG U . -19.63 -22.78 -8.99
MG MG V . -19.59 7.19 2.22
#